data_6C99
#
_entry.id   6C99
#
_cell.length_a   41.770
_cell.length_b   76.080
_cell.length_c   140.040
_cell.angle_alpha   90.00
_cell.angle_beta   93.56
_cell.angle_gamma   90.00
#
_symmetry.space_group_name_H-M   'P 1 21 1'
#
loop_
_entity.id
_entity.type
_entity.pdbx_description
1 polymer 'IgG receptor FcRn large subunit p51'
2 polymer Beta-2-microglobulin
3 non-polymer 'methyl 7-(3,5-difluorophenyl)-5-(pyridin-3-yl)[1,2,4]triazolo[1,5-a]pyrimidine-6-carboxylate'
4 non-polymer 2-acetamido-2-deoxy-beta-D-glucopyranose
5 non-polymer GLYCEROL
6 non-polymer 'CITRIC ACID'
7 water water
#
loop_
_entity_poly.entity_id
_entity_poly.type
_entity_poly.pdbx_seq_one_letter_code
_entity_poly.pdbx_strand_id
1 'polypeptide(L)'
;AESHLSLLYHLTAVSSPAPGTPAFWVSGWLGPQQYLSYNSLRGEAEPCGAWVWENQVSWYWEKETTDLRIKEKLFLEAFK
ALGGKGPYTLQGLLGCELGPDNTSVPTAKFALNGEEFMNFDLKQGTWGGDWPEALAISQRWQQQDKAANKELTFLLFSCP
HRLREHLERGRGNLEWKEPPSMRLKARPSSPGFSVLTCSAFSFYPPELQLRFLRNGLAAGTGQGDFGPNSDGSFHASSSL
TVKSGDEHHYCCIVQHAGLAQPLRVELESPAKSS
;
A,C
2 'polypeptide(L)'
;IQRTPKIQVYSRHPAENGKSNFLNCYVSGFHPSDIEVDLLKNGERIEKVEHSDLSFSKDWSFYLLYYTEFTPTEKDEYAC
RVNHVTLSQPKIVKWDRDM
;
B,D
#
loop_
_chem_comp.id
_chem_comp.type
_chem_comp.name
_chem_comp.formula
CIT non-polymer 'CITRIC ACID' 'C6 H8 O7'
EQY non-polymer 'methyl 7-(3,5-difluorophenyl)-5-(pyridin-3-yl)[1,2,4]triazolo[1,5-a]pyrimidine-6-carboxylate' 'C18 H11 F2 N5 O2'
GOL non-polymer GLYCEROL 'C3 H8 O3'
NAG D-saccharide, beta linking 2-acetamido-2-deoxy-beta-D-glucopyranose 'C8 H15 N O6'
#
# COMPACT_ATOMS: atom_id res chain seq x y z
N HIS A 4 -10.59 6.57 -19.05
CA HIS A 4 -10.61 5.78 -17.83
C HIS A 4 -11.62 4.62 -17.90
N LEU A 5 -11.17 3.41 -17.60
CA LEU A 5 -9.76 3.18 -17.29
C LEU A 5 -8.99 2.90 -18.57
N SER A 6 -7.95 3.68 -18.79
CA SER A 6 -7.17 3.62 -20.01
C SER A 6 -5.89 2.82 -19.80
N LEU A 7 -5.44 2.18 -20.85
CA LEU A 7 -4.08 1.67 -20.97
CA LEU A 7 -4.08 1.69 -20.94
C LEU A 7 -3.37 2.59 -21.95
N LEU A 8 -2.42 3.39 -21.47
CA LEU A 8 -1.76 4.35 -22.34
C LEU A 8 -0.26 4.22 -22.22
N TYR A 9 0.41 4.15 -23.36
CA TYR A 9 1.86 4.19 -23.45
C TYR A 9 2.30 5.61 -23.77
N HIS A 10 3.23 6.13 -22.99
CA HIS A 10 3.84 7.44 -23.21
C HIS A 10 5.23 7.18 -23.76
N LEU A 11 5.43 7.45 -25.05
CA LEU A 11 6.67 7.18 -25.75
C LEU A 11 7.40 8.47 -26.07
N THR A 12 8.71 8.49 -25.83
CA THR A 12 9.53 9.66 -26.16
C THR A 12 10.83 9.21 -26.81
N ALA A 13 11.19 9.85 -27.93
CA ALA A 13 12.52 9.75 -28.49
C ALA A 13 13.12 11.16 -28.55
N VAL A 14 14.44 11.26 -28.33
CA VAL A 14 15.19 12.50 -28.50
C VAL A 14 16.37 12.21 -29.43
N SER A 15 16.69 13.18 -30.30
CA SER A 15 17.77 12.94 -31.25
C SER A 15 19.16 13.20 -30.68
N SER A 16 19.28 13.92 -29.56
CA SER A 16 20.56 14.13 -28.91
C SER A 16 20.40 13.94 -27.41
N PRO A 17 20.26 12.70 -26.95
CA PRO A 17 20.14 12.44 -25.52
C PRO A 17 21.41 12.80 -24.78
N ALA A 18 21.24 13.34 -23.58
CA ALA A 18 22.34 13.62 -22.69
C ALA A 18 23.09 12.31 -22.37
N PRO A 19 24.39 12.40 -22.11
CA PRO A 19 25.17 11.18 -21.83
C PRO A 19 24.60 10.42 -20.64
N GLY A 20 24.48 9.11 -20.79
CA GLY A 20 23.91 8.28 -19.76
C GLY A 20 22.40 8.16 -19.78
N THR A 21 21.70 8.92 -20.66
CA THR A 21 20.24 8.87 -20.72
C THR A 21 19.79 8.22 -22.03
N PRO A 22 18.59 7.63 -22.07
CA PRO A 22 18.18 6.86 -23.24
C PRO A 22 17.73 7.75 -24.38
N ALA A 23 18.05 7.33 -25.60
CA ALA A 23 17.50 8.02 -26.77
C ALA A 23 16.00 7.81 -26.86
N PHE A 24 15.50 6.74 -26.26
CA PHE A 24 14.09 6.38 -26.39
C PHE A 24 13.65 5.72 -25.10
N TRP A 25 12.49 6.12 -24.59
CA TRP A 25 11.98 5.48 -23.39
C TRP A 25 10.46 5.56 -23.37
N VAL A 26 9.85 4.65 -22.61
CA VAL A 26 8.40 4.47 -22.58
C VAL A 26 7.97 4.26 -21.13
N SER A 27 6.86 4.88 -20.74
CA SER A 27 6.16 4.51 -19.52
C SER A 27 4.77 4.08 -19.91
N GLY A 28 4.28 3.04 -19.25
CA GLY A 28 2.96 2.49 -19.47
C GLY A 28 2.09 2.74 -18.25
N TRP A 29 0.82 3.07 -18.50
CA TRP A 29 -0.07 3.59 -17.48
C TRP A 29 -1.41 2.85 -17.52
N LEU A 30 -1.86 2.39 -16.35
CA LEU A 30 -3.23 1.91 -16.17
C LEU A 30 -3.94 2.97 -15.34
N GLY A 31 -4.84 3.70 -15.98
CA GLY A 31 -5.36 4.91 -15.40
C GLY A 31 -4.21 5.79 -14.92
N PRO A 32 -4.26 6.22 -13.65
CA PRO A 32 -3.19 7.07 -13.11
C PRO A 32 -1.98 6.32 -12.58
N GLN A 33 -1.92 4.98 -12.69
CA GLN A 33 -0.81 4.17 -12.16
C GLN A 33 0.17 3.82 -13.26
N GLN A 34 1.47 4.03 -13.00
CA GLN A 34 2.49 3.49 -13.89
C GLN A 34 2.62 1.98 -13.69
N TYR A 35 2.41 1.19 -14.76
CA TYR A 35 2.59 -0.25 -14.65
C TYR A 35 3.83 -0.76 -15.39
N LEU A 36 4.39 0.05 -16.29
CA LEU A 36 5.46 -0.38 -17.17
C LEU A 36 6.54 0.68 -17.30
N SER A 37 7.78 0.23 -17.42
CA SER A 37 8.92 1.06 -17.75
C SER A 37 9.74 0.40 -18.86
N TYR A 38 10.24 1.21 -19.80
CA TYR A 38 11.10 0.71 -20.88
C TYR A 38 12.05 1.82 -21.33
N ASN A 39 13.31 1.46 -21.58
CA ASN A 39 14.22 2.44 -22.16
C ASN A 39 15.21 1.74 -23.09
N SER A 40 15.78 2.54 -24.00
CA SER A 40 16.61 2.00 -25.08
C SER A 40 17.98 1.54 -24.59
N LEU A 41 18.41 1.98 -23.39
CA LEU A 41 19.68 1.54 -22.86
C LEU A 41 19.60 0.11 -22.36
N ARG A 42 18.48 -0.27 -21.74
CA ARG A 42 18.31 -1.64 -21.27
C ARG A 42 17.60 -2.51 -22.30
N GLY A 43 16.65 -1.96 -23.04
CA GLY A 43 16.00 -2.72 -24.09
C GLY A 43 15.00 -3.74 -23.61
N GLU A 44 14.50 -3.61 -22.38
CA GLU A 44 13.56 -4.56 -21.79
C GLU A 44 12.38 -3.80 -21.18
N ALA A 45 11.17 -4.25 -21.47
CA ALA A 45 10.00 -3.72 -20.76
C ALA A 45 9.95 -4.35 -19.38
N GLU A 46 9.76 -3.52 -18.34
CA GLU A 46 9.70 -4.02 -16.98
C GLU A 46 8.43 -3.59 -16.26
N PRO A 47 7.91 -4.44 -15.37
CA PRO A 47 6.80 -4.01 -14.49
C PRO A 47 7.23 -3.03 -13.41
N CYS A 48 6.26 -2.23 -12.96
CA CYS A 48 6.53 -1.23 -11.94
C CYS A 48 5.71 -1.49 -10.68
N GLY A 49 6.36 -1.31 -9.54
CA GLY A 49 5.62 -1.28 -8.28
C GLY A 49 4.84 -2.56 -8.07
N ALA A 50 3.57 -2.41 -7.69
CA ALA A 50 2.73 -3.57 -7.40
C ALA A 50 2.59 -4.50 -8.59
N TRP A 51 2.74 -3.97 -9.82
CA TRP A 51 2.52 -4.81 -11.00
C TRP A 51 3.59 -5.88 -11.16
N VAL A 52 4.70 -5.79 -10.42
CA VAL A 52 5.72 -6.83 -10.43
C VAL A 52 5.14 -8.15 -9.93
N TRP A 53 4.17 -8.08 -9.03
CA TRP A 53 3.56 -9.27 -8.41
C TRP A 53 2.24 -9.65 -9.07
N GLU A 54 1.87 -8.98 -10.15
CA GLU A 54 0.68 -9.39 -10.89
C GLU A 54 0.89 -10.79 -11.46
N ASN A 55 -0.15 -11.63 -11.36
CA ASN A 55 -0.11 -12.93 -12.00
C ASN A 55 -0.39 -12.74 -13.49
N GLN A 56 0.57 -13.04 -14.34
CA GLN A 56 0.44 -12.75 -15.75
C GLN A 56 0.44 -14.02 -16.58
N VAL A 57 -0.17 -13.92 -17.77
CA VAL A 57 -0.04 -14.96 -18.78
C VAL A 57 1.43 -15.13 -19.16
N SER A 58 1.74 -16.31 -19.68
CA SER A 58 3.10 -16.59 -20.12
C SER A 58 3.50 -15.65 -21.24
N TRP A 59 4.76 -15.24 -21.24
CA TRP A 59 5.33 -14.37 -22.25
C TRP A 59 4.70 -12.97 -22.25
N TYR A 60 4.03 -12.57 -21.16
CA TYR A 60 3.44 -11.24 -21.13
C TYR A 60 4.50 -10.17 -21.38
N TRP A 61 5.54 -10.17 -20.54
CA TRP A 61 6.51 -9.09 -20.59
C TRP A 61 7.44 -9.24 -21.78
N GLU A 62 7.62 -10.46 -22.27
CA GLU A 62 8.36 -10.67 -23.51
C GLU A 62 7.66 -10.01 -24.68
N LYS A 63 6.33 -10.10 -24.74
CA LYS A 63 5.55 -9.47 -25.79
C LYS A 63 5.57 -7.95 -25.68
N GLU A 64 5.49 -7.42 -24.45
CA GLU A 64 5.66 -5.98 -24.26
C GLU A 64 7.00 -5.52 -24.78
N THR A 65 8.05 -6.27 -24.46
CA THR A 65 9.41 -5.91 -24.90
C THR A 65 9.51 -5.89 -26.42
N THR A 66 8.98 -6.94 -27.07
CA THR A 66 9.02 -7.02 -28.52
C THR A 66 8.35 -5.82 -29.16
N ASP A 67 7.16 -5.47 -28.66
CA ASP A 67 6.40 -4.36 -29.23
C ASP A 67 7.16 -3.05 -29.08
N LEU A 68 7.81 -2.83 -27.93
CA LEU A 68 8.46 -1.55 -27.71
C LEU A 68 9.81 -1.46 -28.41
N ARG A 69 10.49 -2.59 -28.62
CA ARG A 69 11.70 -2.55 -29.43
C ARG A 69 11.38 -2.16 -30.87
N ILE A 70 10.24 -2.61 -31.40
CA ILE A 70 9.79 -2.21 -32.72
C ILE A 70 9.51 -0.71 -32.74
N LYS A 71 8.82 -0.21 -31.72
CA LYS A 71 8.50 1.21 -31.66
C LYS A 71 9.75 2.05 -31.44
N GLU A 72 10.71 1.53 -30.68
CA GLU A 72 12.01 2.21 -30.59
C GLU A 72 12.60 2.45 -31.97
N LYS A 73 12.70 1.39 -32.79
CA LYS A 73 13.30 1.53 -34.13
C LYS A 73 12.52 2.53 -34.96
N LEU A 74 11.19 2.44 -34.94
CA LEU A 74 10.37 3.37 -35.70
C LEU A 74 10.59 4.81 -35.25
N PHE A 75 10.54 5.06 -33.94
CA PHE A 75 10.79 6.42 -33.46
C PHE A 75 12.17 6.92 -33.86
N LEU A 76 13.21 6.10 -33.69
CA LEU A 76 14.54 6.62 -34.02
C LEU A 76 14.68 6.83 -35.54
N GLU A 77 14.01 5.99 -36.34
CA GLU A 77 14.00 6.21 -37.78
C GLU A 77 13.33 7.51 -38.17
N ALA A 78 12.41 8.01 -37.34
CA ALA A 78 11.69 9.22 -37.71
C ALA A 78 12.63 10.42 -37.82
N PHE A 79 13.66 10.48 -36.98
CA PHE A 79 14.59 11.60 -37.06
C PHE A 79 15.30 11.62 -38.41
N LYS A 80 15.62 10.43 -38.95
CA LYS A 80 16.28 10.35 -40.25
C LYS A 80 15.40 10.95 -41.35
N ALA A 81 14.09 10.78 -41.23
CA ALA A 81 13.19 11.36 -42.23
C ALA A 81 13.16 12.88 -42.14
N LEU A 82 13.49 13.48 -40.99
CA LEU A 82 13.46 14.93 -40.91
C LEU A 82 14.76 15.54 -41.46
N GLY A 83 15.85 14.79 -41.43
CA GLY A 83 17.14 15.35 -41.75
C GLY A 83 17.56 16.43 -40.76
N GLY A 84 18.58 17.16 -41.15
CA GLY A 84 19.04 18.30 -40.38
C GLY A 84 19.69 17.92 -39.06
N LYS A 85 20.11 18.95 -38.33
CA LYS A 85 20.79 18.77 -37.06
C LYS A 85 19.80 18.55 -35.92
N GLY A 86 18.72 19.34 -35.88
CA GLY A 86 17.79 19.31 -34.78
C GLY A 86 18.17 20.33 -33.73
N PRO A 87 18.04 19.98 -32.44
CA PRO A 87 17.59 18.68 -31.92
C PRO A 87 16.07 18.49 -32.04
N TYR A 88 15.61 17.24 -31.98
CA TYR A 88 14.21 16.88 -32.07
C TYR A 88 13.78 16.08 -30.86
N THR A 89 12.52 16.26 -30.46
CA THR A 89 11.83 15.37 -29.53
C THR A 89 10.60 14.86 -30.27
N LEU A 90 10.42 13.54 -30.31
CA LEU A 90 9.21 12.95 -30.84
C LEU A 90 8.51 12.23 -29.70
N GLN A 91 7.24 12.54 -29.49
CA GLN A 91 6.45 11.88 -28.46
C GLN A 91 5.26 11.20 -29.09
N GLY A 92 4.85 10.11 -28.48
CA GLY A 92 3.67 9.39 -28.92
C GLY A 92 2.83 9.01 -27.71
N LEU A 93 1.51 9.06 -27.88
CA LEU A 93 0.56 8.62 -26.88
C LEU A 93 -0.29 7.55 -27.58
N LEU A 94 -0.04 6.30 -27.25
CA LEU A 94 -0.67 5.17 -27.90
C LEU A 94 -1.37 4.33 -26.85
N GLY A 95 -2.61 3.93 -27.13
CA GLY A 95 -3.26 3.04 -26.17
C GLY A 95 -4.76 2.91 -26.44
N CYS A 96 -5.47 2.54 -25.38
CA CYS A 96 -6.89 2.24 -25.56
C CYS A 96 -7.64 2.41 -24.24
N GLU A 97 -8.97 2.48 -24.36
CA GLU A 97 -9.89 2.54 -23.23
C GLU A 97 -11.20 1.89 -23.64
N LEU A 98 -11.87 1.24 -22.68
CA LEU A 98 -13.16 0.63 -22.95
C LEU A 98 -14.26 1.70 -22.95
N GLY A 99 -15.05 1.73 -24.02
CA GLY A 99 -16.15 2.66 -24.13
C GLY A 99 -17.38 2.19 -23.40
N PRO A 100 -18.45 2.98 -23.51
CA PRO A 100 -19.70 2.66 -22.77
C PRO A 100 -20.36 1.36 -23.20
N ASP A 101 -20.15 0.89 -24.43
CA ASP A 101 -20.69 -0.38 -24.87
C ASP A 101 -19.67 -1.51 -24.75
N ASN A 102 -18.67 -1.34 -23.88
CA ASN A 102 -17.69 -2.37 -23.56
C ASN A 102 -16.90 -2.82 -24.80
N THR A 103 -16.53 -1.85 -25.64
CA THR A 103 -15.59 -2.10 -26.73
C THR A 103 -14.43 -1.12 -26.61
N SER A 104 -13.34 -1.42 -27.31
CA SER A 104 -12.10 -0.67 -27.15
CA SER A 104 -12.09 -0.67 -27.16
C SER A 104 -12.10 0.59 -28.03
N VAL A 105 -11.66 1.70 -27.44
CA VAL A 105 -11.52 3.00 -28.09
C VAL A 105 -10.03 3.33 -28.20
N PRO A 106 -9.46 3.40 -29.40
CA PRO A 106 -8.00 3.59 -29.52
C PRO A 106 -7.59 5.06 -29.46
N THR A 107 -6.34 5.26 -29.04
CA THR A 107 -5.68 6.56 -29.00
C THR A 107 -4.35 6.42 -29.72
N ALA A 108 -4.07 7.32 -30.67
CA ALA A 108 -2.77 7.27 -31.34
C ALA A 108 -2.45 8.68 -31.82
N LYS A 109 -1.72 9.42 -30.99
CA LYS A 109 -1.36 10.79 -31.26
C LYS A 109 0.15 10.96 -31.08
N PHE A 110 0.71 11.93 -31.78
CA PHE A 110 2.15 12.18 -31.77
C PHE A 110 2.42 13.68 -31.77
N ALA A 111 3.53 14.07 -31.15
CA ALA A 111 3.94 15.46 -31.08
C ALA A 111 5.40 15.57 -31.46
N LEU A 112 5.76 16.68 -32.12
CA LEU A 112 7.14 16.97 -32.47
C LEU A 112 7.58 18.25 -31.78
N ASN A 113 8.68 18.18 -31.03
CA ASN A 113 9.14 19.32 -30.22
C ASN A 113 8.00 19.93 -29.40
N GLY A 114 7.15 19.07 -28.83
CA GLY A 114 6.11 19.49 -27.91
C GLY A 114 4.80 19.92 -28.57
N GLU A 115 4.68 19.81 -29.89
CA GLU A 115 3.50 20.28 -30.60
C GLU A 115 2.82 19.08 -31.25
N GLU A 116 1.54 18.86 -30.96
CA GLU A 116 0.83 17.75 -31.58
C GLU A 116 0.84 17.93 -33.10
N PHE A 117 1.16 16.87 -33.84
CA PHE A 117 1.37 17.09 -35.27
C PHE A 117 0.98 15.88 -36.11
N MET A 118 0.63 14.76 -35.48
CA MET A 118 0.40 13.55 -36.24
C MET A 118 -0.52 12.62 -35.46
N ASN A 119 -1.32 11.86 -36.19
CA ASN A 119 -2.14 10.80 -35.59
C ASN A 119 -2.09 9.60 -36.50
N PHE A 120 -2.52 8.45 -35.97
CA PHE A 120 -2.78 7.26 -36.78
C PHE A 120 -4.28 7.16 -37.04
N ASP A 121 -4.64 7.13 -38.31
CA ASP A 121 -6.03 6.95 -38.75
C ASP A 121 -6.31 5.45 -38.85
N LEU A 122 -7.14 4.94 -37.94
CA LEU A 122 -7.36 3.49 -37.91
C LEU A 122 -8.27 3.01 -39.04
N LYS A 123 -9.04 3.91 -39.66
CA LYS A 123 -9.91 3.50 -40.76
C LYS A 123 -9.09 3.20 -42.02
N GLN A 124 -8.19 4.12 -42.37
CA GLN A 124 -7.30 3.95 -43.50
C GLN A 124 -6.02 3.21 -43.15
N GLY A 125 -5.70 3.07 -41.87
CA GLY A 125 -4.45 2.46 -41.48
C GLY A 125 -3.24 3.28 -41.85
N THR A 126 -3.32 4.60 -41.72
CA THR A 126 -2.25 5.49 -42.14
C THR A 126 -2.04 6.58 -41.09
N TRP A 127 -0.79 7.06 -41.02
CA TRP A 127 -0.43 8.22 -40.22
C TRP A 127 -0.70 9.48 -41.02
N GLY A 128 -1.29 10.47 -40.36
CA GLY A 128 -1.65 11.70 -41.04
C GLY A 128 -1.35 12.92 -40.19
N GLY A 129 -1.29 14.06 -40.87
CA GLY A 129 -1.06 15.35 -40.24
C GLY A 129 -0.80 16.39 -41.31
N ASP A 130 -0.98 17.66 -40.97
CA ASP A 130 -0.89 18.77 -41.93
C ASP A 130 0.55 19.20 -42.19
N TRP A 131 1.44 19.07 -41.21
CA TRP A 131 2.80 19.58 -41.33
C TRP A 131 3.61 18.71 -42.29
N PRO A 132 4.58 19.30 -43.00
CA PRO A 132 5.48 18.48 -43.81
C PRO A 132 6.29 17.49 -42.99
N GLU A 133 6.60 17.82 -41.74
CA GLU A 133 7.28 16.85 -40.88
C GLU A 133 6.40 15.63 -40.66
N ALA A 134 5.09 15.85 -40.49
CA ALA A 134 4.15 14.74 -40.34
C ALA A 134 4.15 13.86 -41.59
N LEU A 135 4.02 14.49 -42.76
CA LEU A 135 3.98 13.74 -44.01
C LEU A 135 5.25 12.94 -44.21
N ALA A 136 6.40 13.55 -43.89
CA ALA A 136 7.68 12.88 -44.07
C ALA A 136 7.80 11.66 -43.16
N ILE A 137 7.42 11.80 -41.90
CA ILE A 137 7.54 10.65 -41.01
C ILE A 137 6.50 9.60 -41.38
N SER A 138 5.27 10.05 -41.62
CA SER A 138 4.24 9.13 -42.08
C SER A 138 4.72 8.30 -43.27
N GLN A 139 5.26 8.96 -44.31
CA GLN A 139 5.68 8.22 -45.49
C GLN A 139 6.79 7.23 -45.15
N ARG A 140 7.73 7.63 -44.28
CA ARG A 140 8.81 6.72 -43.91
C ARG A 140 8.25 5.49 -43.18
N TRP A 141 7.37 5.73 -42.20
CA TRP A 141 6.70 4.64 -41.50
C TRP A 141 5.80 3.84 -42.43
N GLN A 142 5.06 4.53 -43.31
CA GLN A 142 4.06 3.88 -44.16
C GLN A 142 4.71 2.92 -45.16
N GLN A 143 5.98 3.15 -45.50
CA GLN A 143 6.71 2.28 -46.41
C GLN A 143 7.74 1.42 -45.68
N GLN A 144 7.67 1.33 -44.35
CA GLN A 144 8.42 0.31 -43.60
C GLN A 144 7.60 -0.97 -43.55
N ASP A 145 8.28 -2.11 -43.68
CA ASP A 145 7.64 -3.42 -43.80
C ASP A 145 6.60 -3.69 -42.72
N LYS A 146 5.33 -3.53 -43.08
CA LYS A 146 4.17 -3.86 -42.25
C LYS A 146 4.07 -3.05 -40.96
N ALA A 147 4.63 -1.85 -40.91
CA ALA A 147 4.54 -1.05 -39.68
C ALA A 147 3.11 -0.59 -39.42
N ALA A 148 2.39 -0.17 -40.46
CA ALA A 148 0.99 0.22 -40.27
C ALA A 148 0.17 -0.96 -39.76
N ASN A 149 0.42 -2.16 -40.28
CA ASN A 149 -0.32 -3.33 -39.82
C ASN A 149 -0.03 -3.65 -38.36
N LYS A 150 1.23 -3.55 -37.95
CA LYS A 150 1.57 -3.78 -36.55
C LYS A 150 0.93 -2.73 -35.64
N GLU A 151 0.89 -1.48 -36.11
CA GLU A 151 0.23 -0.41 -35.35
C GLU A 151 -1.26 -0.70 -35.19
N LEU A 152 -1.93 -1.06 -36.30
CA LEU A 152 -3.31 -1.53 -36.23
C LEU A 152 -3.48 -2.64 -35.21
N THR A 153 -2.61 -3.66 -35.25
CA THR A 153 -2.77 -4.77 -34.32
C THR A 153 -2.51 -4.33 -32.88
N PHE A 154 -1.47 -3.54 -32.66
CA PHE A 154 -1.16 -3.01 -31.34
C PHE A 154 -2.38 -2.33 -30.72
N LEU A 155 -3.07 -1.49 -31.50
CA LEU A 155 -4.13 -0.66 -30.95
C LEU A 155 -5.46 -1.40 -30.87
N LEU A 156 -5.76 -2.21 -31.88
CA LEU A 156 -7.07 -2.86 -31.97
C LEU A 156 -7.11 -4.18 -31.26
N PHE A 157 -5.97 -4.81 -31.03
CA PHE A 157 -5.99 -6.14 -30.43
C PHE A 157 -5.11 -6.23 -29.18
N SER A 158 -3.82 -5.93 -29.30
CA SER A 158 -2.92 -6.12 -28.18
C SER A 158 -3.30 -5.25 -26.99
N CYS A 159 -3.50 -3.95 -27.23
CA CYS A 159 -3.86 -3.04 -26.14
CA CYS A 159 -3.83 -3.05 -26.12
C CYS A 159 -5.13 -3.46 -25.42
N PRO A 160 -6.27 -3.64 -26.10
CA PRO A 160 -7.48 -4.03 -25.36
C PRO A 160 -7.33 -5.36 -24.65
N HIS A 161 -6.65 -6.33 -25.27
CA HIS A 161 -6.38 -7.60 -24.60
CA HIS A 161 -6.41 -7.59 -24.59
C HIS A 161 -5.59 -7.40 -23.32
N ARG A 162 -4.51 -6.59 -23.39
CA ARG A 162 -3.72 -6.29 -22.21
C ARG A 162 -4.56 -5.57 -21.15
N LEU A 163 -5.36 -4.59 -21.57
CA LEU A 163 -6.17 -3.82 -20.64
C LEU A 163 -7.13 -4.72 -19.88
N ARG A 164 -7.84 -5.60 -20.60
CA ARG A 164 -8.76 -6.52 -19.93
C ARG A 164 -8.02 -7.47 -19.00
N GLU A 165 -6.84 -7.96 -19.41
CA GLU A 165 -6.03 -8.82 -18.56
C GLU A 165 -5.67 -8.10 -17.25
N HIS A 166 -5.21 -6.86 -17.34
CA HIS A 166 -4.89 -6.10 -16.14
C HIS A 166 -6.13 -5.78 -15.31
N LEU A 167 -7.25 -5.49 -15.97
CA LEU A 167 -8.49 -5.21 -15.23
C LEU A 167 -8.96 -6.43 -14.46
N GLU A 168 -8.67 -7.62 -14.96
CA GLU A 168 -9.08 -8.85 -14.31
C GLU A 168 -8.08 -9.28 -13.24
N ARG A 169 -6.80 -9.34 -13.62
CA ARG A 169 -5.75 -9.82 -12.73
C ARG A 169 -5.28 -8.76 -11.75
N GLY A 170 -5.47 -7.48 -12.04
CA GLY A 170 -5.05 -6.48 -11.07
C GLY A 170 -6.18 -5.63 -10.54
N ARG A 171 -7.40 -6.18 -10.50
CA ARG A 171 -8.57 -5.39 -10.13
C ARG A 171 -8.39 -4.73 -8.77
N GLY A 172 -7.82 -5.45 -7.79
CA GLY A 172 -7.59 -4.87 -6.48
C GLY A 172 -6.66 -3.67 -6.50
N ASN A 173 -5.59 -3.73 -7.30
CA ASN A 173 -4.66 -2.61 -7.42
C ASN A 173 -5.34 -1.35 -7.91
N LEU A 174 -6.29 -1.49 -8.82
CA LEU A 174 -6.93 -0.33 -9.43
C LEU A 174 -8.08 0.23 -8.60
N GLU A 175 -8.68 -0.60 -7.75
CA GLU A 175 -9.78 -0.19 -6.87
C GLU A 175 -9.27 0.33 -5.53
N TRP A 176 -7.95 0.32 -5.35
CA TRP A 176 -7.31 0.83 -4.14
C TRP A 176 -7.86 2.21 -3.77
N LYS A 177 -8.15 2.39 -2.49
CA LYS A 177 -8.60 3.68 -1.96
C LYS A 177 -7.87 3.94 -0.66
N GLU A 178 -7.05 4.99 -0.64
CA GLU A 178 -6.29 5.42 0.53
C GLU A 178 -6.70 6.85 0.86
N PRO A 179 -7.29 7.11 2.02
CA PRO A 179 -7.75 8.47 2.32
C PRO A 179 -6.58 9.39 2.64
N PRO A 180 -6.70 10.67 2.31
CA PRO A 180 -5.60 11.60 2.58
C PRO A 180 -5.49 11.94 4.06
N SER A 181 -4.27 12.10 4.54
CA SER A 181 -4.03 12.74 5.83
CA SER A 181 -4.04 12.74 5.83
C SER A 181 -4.11 14.24 5.62
N MET A 182 -4.87 14.94 6.46
CA MET A 182 -5.17 16.35 6.23
C MET A 182 -4.49 17.26 7.25
N ARG A 183 -4.06 18.43 6.79
CA ARG A 183 -3.55 19.48 7.65
C ARG A 183 -4.03 20.83 7.14
N LEU A 184 -4.41 21.71 8.07
CA LEU A 184 -4.73 23.09 7.75
C LEU A 184 -3.90 23.98 8.66
N LYS A 185 -3.12 24.87 8.06
CA LYS A 185 -2.16 25.68 8.78
C LYS A 185 -2.16 27.07 8.17
N ALA A 186 -1.82 28.06 8.98
CA ALA A 186 -1.69 29.44 8.53
C ALA A 186 -0.27 29.95 8.77
N ARG A 187 0.25 30.78 7.86
CA ARG A 187 1.53 31.43 8.02
C ARG A 187 1.38 32.93 7.76
N PRO A 188 2.16 33.77 8.44
CA PRO A 188 2.07 35.21 8.18
C PRO A 188 2.61 35.54 6.79
N SER A 189 2.00 36.55 6.18
CA SER A 189 2.37 36.94 4.83
C SER A 189 2.68 38.44 4.79
N SER A 190 2.06 39.15 3.86
CA SER A 190 2.12 40.60 3.83
C SER A 190 1.47 41.17 5.09
N PRO A 191 1.83 42.41 5.46
CA PRO A 191 1.22 43.02 6.65
C PRO A 191 -0.29 43.05 6.54
N GLY A 192 -0.94 42.60 7.62
CA GLY A 192 -2.39 42.45 7.62
C GLY A 192 -2.93 41.20 6.97
N PHE A 193 -2.06 40.31 6.45
CA PHE A 193 -2.53 39.15 5.72
C PHE A 193 -1.78 37.89 6.14
N SER A 194 -2.50 36.77 6.11
CA SER A 194 -1.92 35.44 6.29
C SER A 194 -2.32 34.54 5.14
N VAL A 195 -1.53 33.51 4.90
CA VAL A 195 -1.86 32.49 3.90
C VAL A 195 -2.29 31.24 4.66
N LEU A 196 -3.51 30.79 4.40
CA LEU A 196 -4.03 29.51 4.90
C LEU A 196 -3.74 28.43 3.88
N THR A 197 -3.23 27.29 4.34
CA THR A 197 -2.89 26.20 3.42
C THR A 197 -3.53 24.92 3.91
N CYS A 198 -4.31 24.29 3.04
CA CYS A 198 -4.96 23.02 3.31
C CYS A 198 -4.23 21.96 2.49
N SER A 199 -3.70 20.93 3.15
CA SER A 199 -2.86 19.98 2.46
C SER A 199 -3.35 18.56 2.71
N ALA A 200 -3.33 17.78 1.63
CA ALA A 200 -3.82 16.41 1.59
C ALA A 200 -2.64 15.52 1.27
N PHE A 201 -2.32 14.58 2.18
CA PHE A 201 -1.12 13.78 2.06
C PHE A 201 -1.43 12.32 1.76
N SER A 202 -0.72 11.78 0.77
CA SER A 202 -0.63 10.34 0.51
CA SER A 202 -0.64 10.33 0.54
C SER A 202 -2.01 9.69 0.35
N PHE A 203 -2.67 10.08 -0.73
CA PHE A 203 -3.99 9.54 -1.04
C PHE A 203 -4.00 8.91 -2.43
N TYR A 204 -5.02 8.07 -2.65
CA TYR A 204 -5.27 7.44 -3.93
C TYR A 204 -6.73 7.02 -3.95
N PRO A 205 -7.47 7.23 -5.07
CA PRO A 205 -7.09 7.73 -6.39
C PRO A 205 -6.77 9.23 -6.38
N PRO A 206 -6.28 9.78 -7.50
CA PRO A 206 -5.87 11.19 -7.49
C PRO A 206 -7.03 12.17 -7.42
N GLU A 207 -8.25 11.79 -7.81
CA GLU A 207 -9.39 12.70 -7.75
C GLU A 207 -9.69 13.11 -6.32
N LEU A 208 -9.64 14.41 -6.06
CA LEU A 208 -9.83 14.93 -4.71
C LEU A 208 -10.24 16.39 -4.85
N GLN A 209 -11.12 16.83 -3.96
CA GLN A 209 -11.51 18.23 -3.92
C GLN A 209 -11.12 18.83 -2.59
N LEU A 210 -10.55 20.03 -2.63
CA LEU A 210 -10.35 20.84 -1.44
C LEU A 210 -11.13 22.15 -1.60
N ARG A 211 -11.87 22.50 -0.55
CA ARG A 211 -12.73 23.69 -0.55
C ARG A 211 -12.53 24.42 0.78
N PHE A 212 -12.60 25.75 0.73
CA PHE A 212 -12.54 26.54 1.95
C PHE A 212 -13.92 27.04 2.37
N LEU A 213 -14.17 27.07 3.68
CA LEU A 213 -15.36 27.67 4.26
C LEU A 213 -14.95 28.79 5.21
N ARG A 214 -15.71 29.89 5.21
CA ARG A 214 -15.54 30.94 6.20
C ARG A 214 -16.85 31.09 6.97
N ASN A 215 -16.84 30.73 8.24
CA ASN A 215 -18.04 30.64 9.08
C ASN A 215 -19.12 29.80 8.40
N GLY A 216 -18.74 28.55 8.10
CA GLY A 216 -19.63 27.61 7.43
C GLY A 216 -20.04 27.98 6.01
N LEU A 217 -19.70 29.16 5.51
CA LEU A 217 -20.11 29.57 4.18
C LEU A 217 -18.97 29.36 3.18
N ALA A 218 -19.34 29.05 1.94
CA ALA A 218 -18.35 28.78 0.91
C ALA A 218 -17.45 29.99 0.72
N ALA A 219 -16.14 29.75 0.74
CA ALA A 219 -15.14 30.79 0.55
C ALA A 219 -14.21 30.47 -0.61
N GLY A 220 -14.64 29.64 -1.54
CA GLY A 220 -13.84 29.35 -2.71
C GLY A 220 -12.95 28.14 -2.54
N THR A 221 -12.30 27.78 -3.65
CA THR A 221 -11.42 26.63 -3.60
C THR A 221 -9.98 27.01 -3.32
N GLY A 222 -9.67 28.31 -3.24
CA GLY A 222 -8.29 28.71 -3.11
C GLY A 222 -7.51 28.37 -4.38
N GLN A 223 -6.20 28.51 -4.27
CA GLN A 223 -5.28 28.22 -5.37
CA GLN A 223 -5.26 28.23 -5.36
C GLN A 223 -4.59 26.90 -5.08
N GLY A 224 -4.81 25.91 -5.94
CA GLY A 224 -4.40 24.56 -5.63
C GLY A 224 -3.32 23.96 -6.49
N ASP A 225 -2.63 22.92 -6.01
CA ASP A 225 -1.76 22.15 -6.88
C ASP A 225 -1.76 20.71 -6.41
N PHE A 226 -1.18 19.86 -7.24
CA PHE A 226 -1.28 18.43 -7.05
C PHE A 226 0.00 17.80 -7.59
N GLY A 227 0.41 16.68 -6.99
CA GLY A 227 1.54 15.94 -7.50
C GLY A 227 1.59 14.51 -6.97
N PRO A 228 2.44 13.66 -7.56
CA PRO A 228 2.62 12.29 -7.05
C PRO A 228 3.63 12.22 -5.92
N ASN A 229 3.50 11.14 -5.14
CA ASN A 229 4.56 10.68 -4.26
C ASN A 229 5.29 9.52 -4.96
N SER A 230 6.41 9.12 -4.37
CA SER A 230 7.28 8.15 -5.04
C SER A 230 6.68 6.74 -5.08
N ASP A 231 5.66 6.47 -4.27
CA ASP A 231 4.99 5.17 -4.32
C ASP A 231 3.75 5.16 -5.22
N GLY A 232 3.51 6.23 -5.97
CA GLY A 232 2.34 6.31 -6.81
C GLY A 232 1.08 6.76 -6.11
N SER A 233 1.13 7.05 -4.80
CA SER A 233 0.07 7.83 -4.16
C SER A 233 0.23 9.31 -4.53
N PHE A 234 -0.63 10.15 -3.99
CA PHE A 234 -0.69 11.54 -4.43
C PHE A 234 -0.74 12.52 -3.27
N HIS A 235 -0.55 13.78 -3.65
CA HIS A 235 -0.45 14.91 -2.75
C HIS A 235 -1.22 16.06 -3.39
N ALA A 236 -1.88 16.85 -2.55
CA ALA A 236 -2.51 18.06 -3.04
C ALA A 236 -2.47 19.11 -1.95
N SER A 237 -2.56 20.35 -2.39
CA SER A 237 -2.69 21.44 -1.43
CA SER A 237 -2.65 21.45 -1.44
C SER A 237 -3.43 22.59 -2.09
N SER A 238 -4.11 23.36 -1.27
CA SER A 238 -4.73 24.60 -1.73
CA SER A 238 -4.76 24.59 -1.72
C SER A 238 -4.51 25.67 -0.68
N SER A 239 -4.27 26.89 -1.15
CA SER A 239 -3.93 27.99 -0.27
C SER A 239 -4.81 29.19 -0.59
N LEU A 240 -5.07 29.95 0.46
CA LEU A 240 -5.97 31.10 0.42
C LEU A 240 -5.36 32.24 1.22
N THR A 241 -5.34 33.44 0.65
CA THR A 241 -4.93 34.62 1.40
C THR A 241 -6.11 35.17 2.19
N VAL A 242 -5.94 35.33 3.49
CA VAL A 242 -7.00 35.83 4.36
C VAL A 242 -6.43 36.97 5.19
N LYS A 243 -7.32 37.71 5.82
CA LYS A 243 -6.92 38.84 6.65
C LYS A 243 -6.34 38.34 7.97
N SER A 244 -5.22 38.92 8.37
CA SER A 244 -4.59 38.54 9.62
C SER A 244 -5.56 38.73 10.77
N GLY A 245 -5.56 37.80 11.71
CA GLY A 245 -6.52 37.78 12.78
C GLY A 245 -7.86 37.15 12.45
N ASP A 246 -8.13 36.86 11.18
CA ASP A 246 -9.39 36.23 10.76
C ASP A 246 -9.23 34.75 10.50
N GLU A 247 -8.02 34.18 10.70
CA GLU A 247 -7.74 32.82 10.26
C GLU A 247 -8.66 31.79 10.89
N HIS A 248 -9.01 31.97 12.16
CA HIS A 248 -9.78 30.98 12.89
C HIS A 248 -11.26 30.96 12.51
N HIS A 249 -11.69 31.83 11.61
CA HIS A 249 -13.04 31.76 11.06
C HIS A 249 -13.12 30.81 9.87
N TYR A 250 -12.01 30.16 9.52
CA TYR A 250 -11.95 29.38 8.29
C TYR A 250 -11.75 27.91 8.61
N CYS A 251 -12.25 27.07 7.72
CA CYS A 251 -11.92 25.66 7.72
CA CYS A 251 -11.97 25.64 7.71
C CYS A 251 -11.75 25.22 6.27
N CYS A 252 -11.26 24.02 6.10
CA CYS A 252 -11.13 23.37 4.80
CA CYS A 252 -11.26 23.44 4.77
C CYS A 252 -12.00 22.12 4.80
N ILE A 253 -12.59 21.79 3.65
CA ILE A 253 -13.36 20.56 3.48
C ILE A 253 -12.69 19.75 2.37
N VAL A 254 -12.49 18.46 2.61
CA VAL A 254 -11.92 17.56 1.62
C VAL A 254 -12.97 16.54 1.23
N GLN A 255 -13.09 16.29 -0.07
CA GLN A 255 -13.87 15.19 -0.61
C GLN A 255 -12.93 14.20 -1.26
N HIS A 256 -13.00 12.93 -0.85
CA HIS A 256 -12.16 11.92 -1.45
C HIS A 256 -12.80 10.56 -1.24
N ALA A 257 -12.65 9.69 -2.24
CA ALA A 257 -13.28 8.37 -2.23
C ALA A 257 -12.85 7.50 -1.04
N GLY A 258 -11.67 7.75 -0.44
CA GLY A 258 -11.24 7.01 0.74
C GLY A 258 -11.99 7.37 2.02
N LEU A 259 -12.81 8.42 1.97
CA LEU A 259 -13.59 8.94 3.07
C LEU A 259 -15.06 8.67 2.78
N ALA A 260 -15.84 8.39 3.82
CA ALA A 260 -17.25 8.11 3.57
C ALA A 260 -18.05 9.37 3.29
N GLN A 261 -17.63 10.50 3.82
CA GLN A 261 -18.30 11.78 3.68
C GLN A 261 -17.22 12.84 3.58
N PRO A 262 -17.55 14.02 3.04
CA PRO A 262 -16.60 15.12 3.08
C PRO A 262 -16.16 15.41 4.52
N LEU A 263 -14.87 15.68 4.70
CA LEU A 263 -14.29 15.83 6.03
C LEU A 263 -13.93 17.29 6.26
N ARG A 264 -14.41 17.84 7.37
CA ARG A 264 -14.09 19.21 7.77
C ARG A 264 -12.76 19.21 8.54
N VAL A 265 -11.86 20.12 8.17
CA VAL A 265 -10.51 20.20 8.71
C VAL A 265 -10.35 21.56 9.38
N GLU A 266 -10.00 21.56 10.65
CA GLU A 266 -9.91 22.79 11.44
C GLU A 266 -8.47 23.25 11.53
N LEU A 267 -8.30 24.56 11.76
CA LEU A 267 -6.97 25.15 11.84
C LEU A 267 -6.18 24.56 13.02
N GLU A 268 -4.91 24.23 12.78
CA GLU A 268 -4.03 23.76 13.82
C GLU A 268 -3.65 24.87 14.81
N ILE B 1 8.85 23.92 -29.29
CA ILE B 1 8.49 24.96 -28.33
C ILE B 1 9.14 24.64 -27.00
N GLN B 2 9.28 25.67 -26.17
CA GLN B 2 9.85 25.51 -24.85
C GLN B 2 8.83 25.95 -23.81
N ARG B 3 8.82 25.26 -22.68
CA ARG B 3 7.90 25.51 -21.58
CA ARG B 3 7.90 25.52 -21.59
C ARG B 3 8.69 25.43 -20.30
N THR B 4 8.54 26.43 -19.45
CA THR B 4 9.31 26.46 -18.22
C THR B 4 8.65 25.57 -17.15
N PRO B 5 9.46 24.93 -16.29
CA PRO B 5 8.89 23.98 -15.32
C PRO B 5 8.12 24.67 -14.20
N LYS B 6 7.05 24.03 -13.75
CA LYS B 6 6.48 24.34 -12.44
C LYS B 6 7.20 23.47 -11.41
N ILE B 7 7.43 24.02 -10.23
CA ILE B 7 8.22 23.34 -9.21
C ILE B 7 7.41 23.26 -7.92
N GLN B 8 7.21 22.05 -7.41
CA GLN B 8 6.52 21.83 -6.14
C GLN B 8 7.42 21.04 -5.20
N VAL B 9 7.33 21.38 -3.91
CA VAL B 9 8.13 20.73 -2.88
C VAL B 9 7.21 20.40 -1.72
N TYR B 10 7.16 19.13 -1.35
CA TYR B 10 6.24 18.70 -0.30
C TYR B 10 6.75 17.37 0.25
N SER B 11 6.30 17.04 1.46
CA SER B 11 6.64 15.73 2.00
C SER B 11 5.55 14.72 1.66
N ARG B 12 5.92 13.44 1.76
CA ARG B 12 4.99 12.35 1.48
C ARG B 12 3.92 12.24 2.56
N HIS B 13 4.33 12.31 3.81
CA HIS B 13 3.42 12.34 4.94
C HIS B 13 3.56 13.68 5.63
N PRO B 14 2.57 14.09 6.44
CA PRO B 14 2.73 15.32 7.22
C PRO B 14 4.05 15.32 7.98
N ALA B 15 4.71 16.48 7.99
CA ALA B 15 6.02 16.56 8.61
C ALA B 15 5.89 16.58 10.14
N GLU B 16 6.59 15.68 10.79
CA GLU B 16 6.62 15.58 12.24
C GLU B 16 8.08 15.51 12.65
N ASN B 17 8.52 16.46 13.48
CA ASN B 17 9.93 16.51 13.83
C ASN B 17 10.36 15.19 14.46
N GLY B 18 11.44 14.62 13.92
CA GLY B 18 11.97 13.38 14.43
C GLY B 18 11.44 12.12 13.80
N LYS B 19 10.44 12.19 12.92
CA LYS B 19 9.88 11.01 12.28
C LYS B 19 10.35 10.95 10.83
N SER B 20 10.87 9.79 10.41
CA SER B 20 11.32 9.59 9.05
C SER B 20 10.17 9.81 8.06
N ASN B 21 10.53 10.27 6.86
CA ASN B 21 9.55 10.76 5.90
C ASN B 21 10.22 10.73 4.52
N PHE B 22 9.53 11.26 3.50
CA PHE B 22 10.14 11.49 2.19
C PHE B 22 9.89 12.93 1.78
N LEU B 23 10.92 13.57 1.25
CA LEU B 23 10.80 14.91 0.69
C LEU B 23 10.79 14.79 -0.83
N ASN B 24 9.80 15.43 -1.46
CA ASN B 24 9.58 15.35 -2.90
C ASN B 24 9.83 16.70 -3.55
N CYS B 25 10.49 16.67 -4.70
CA CYS B 25 10.48 17.83 -5.58
C CYS B 25 9.89 17.39 -6.92
N TYR B 26 8.69 17.89 -7.20
CA TYR B 26 7.92 17.51 -8.37
C TYR B 26 8.04 18.61 -9.42
N VAL B 27 8.63 18.28 -10.57
CA VAL B 27 8.80 19.26 -11.64
CA VAL B 27 8.83 19.24 -11.65
C VAL B 27 7.91 18.86 -12.80
N SER B 28 7.15 19.81 -13.31
CA SER B 28 6.15 19.45 -14.30
C SER B 28 5.96 20.59 -15.30
N GLY B 29 5.30 20.26 -16.41
CA GLY B 29 4.93 21.27 -17.38
C GLY B 29 6.05 21.79 -18.26
N PHE B 30 7.17 21.07 -18.38
CA PHE B 30 8.33 21.65 -19.03
C PHE B 30 8.66 20.97 -20.36
N HIS B 31 9.39 21.68 -21.18
CA HIS B 31 9.80 21.20 -22.50
C HIS B 31 10.96 22.07 -22.95
N PRO B 32 12.05 21.49 -23.48
CA PRO B 32 12.29 20.06 -23.72
C PRO B 32 12.59 19.29 -22.43
N SER B 33 12.94 18.01 -22.57
CA SER B 33 12.94 17.11 -21.42
C SER B 33 14.21 17.18 -20.58
N ASP B 34 15.30 17.74 -21.10
CA ASP B 34 16.54 17.85 -20.33
CA ASP B 34 16.54 17.87 -20.34
C ASP B 34 16.30 18.79 -19.14
N ILE B 35 16.49 18.27 -17.92
CA ILE B 35 16.32 19.09 -16.73
C ILE B 35 17.28 18.61 -15.63
N GLU B 36 17.73 19.55 -14.81
CA GLU B 36 18.58 19.23 -13.67
C GLU B 36 17.85 19.61 -12.38
N VAL B 37 17.85 18.69 -11.41
CA VAL B 37 17.14 18.88 -10.15
C VAL B 37 18.05 18.44 -9.00
N ASP B 38 18.21 19.29 -7.99
CA ASP B 38 18.94 18.96 -6.78
C ASP B 38 18.07 19.27 -5.57
N LEU B 39 18.07 18.38 -4.60
CA LEU B 39 17.49 18.70 -3.30
C LEU B 39 18.60 19.24 -2.39
N LEU B 40 18.27 20.29 -1.65
CA LEU B 40 19.22 20.97 -0.77
C LEU B 40 18.76 20.87 0.68
N LYS B 41 19.73 20.63 1.59
CA LYS B 41 19.49 20.69 3.04
C LYS B 41 20.31 21.85 3.61
N ASN B 42 19.63 22.90 4.06
CA ASN B 42 20.28 24.14 4.51
C ASN B 42 21.28 24.63 3.48
N GLY B 43 20.94 24.45 2.19
CA GLY B 43 21.75 24.92 1.10
C GLY B 43 22.78 23.93 0.57
N GLU B 44 23.00 22.81 1.26
CA GLU B 44 23.95 21.81 0.82
C GLU B 44 23.25 20.76 -0.03
N ARG B 45 23.84 20.42 -1.17
CA ARG B 45 23.25 19.41 -2.05
C ARG B 45 23.14 18.06 -1.34
N ILE B 46 21.97 17.43 -1.47
CA ILE B 46 21.73 16.11 -0.90
C ILE B 46 22.19 15.05 -1.90
N GLU B 47 23.02 14.10 -1.44
CA GLU B 47 23.61 13.10 -2.34
C GLU B 47 22.64 11.97 -2.65
N LYS B 48 21.94 11.46 -1.64
CA LYS B 48 21.11 10.26 -1.80
C LYS B 48 19.71 10.71 -2.21
N VAL B 49 19.57 11.00 -3.50
CA VAL B 49 18.30 11.46 -4.07
C VAL B 49 17.95 10.54 -5.24
N GLU B 50 16.71 10.07 -5.26
CA GLU B 50 16.20 9.20 -6.32
C GLU B 50 15.22 9.98 -7.17
N HIS B 51 14.87 9.41 -8.34
CA HIS B 51 13.88 10.06 -9.19
C HIS B 51 13.04 9.02 -9.94
N SER B 52 11.81 9.42 -10.28
CA SER B 52 10.92 8.65 -11.13
C SER B 52 11.44 8.59 -12.57
N ASP B 53 10.71 7.87 -13.42
CA ASP B 53 10.83 8.03 -14.87
C ASP B 53 10.40 9.43 -15.28
N LEU B 54 10.92 9.87 -16.42
CA LEU B 54 10.44 11.09 -17.06
C LEU B 54 9.20 10.71 -17.86
N SER B 55 8.06 11.30 -17.52
CA SER B 55 6.81 11.00 -18.23
C SER B 55 6.23 12.32 -18.75
N PHE B 56 5.02 12.28 -19.31
CA PHE B 56 4.46 13.52 -19.83
C PHE B 56 2.93 13.46 -19.80
N SER B 57 2.34 14.66 -19.79
CA SER B 57 0.91 14.86 -19.64
C SER B 57 0.23 14.91 -21.00
N LYS B 58 -1.10 15.05 -20.97
CA LYS B 58 -1.90 15.12 -22.19
C LYS B 58 -1.48 16.28 -23.08
N ASP B 59 -0.97 17.36 -22.50
CA ASP B 59 -0.56 18.49 -23.31
C ASP B 59 0.88 18.35 -23.80
N TRP B 60 1.49 17.18 -23.58
CA TRP B 60 2.81 16.75 -24.04
C TRP B 60 3.95 17.30 -23.18
N SER B 61 3.66 18.13 -22.17
CA SER B 61 4.75 18.64 -21.33
C SER B 61 5.22 17.56 -20.37
N PHE B 62 6.51 17.59 -20.05
CA PHE B 62 7.11 16.52 -19.26
C PHE B 62 6.93 16.78 -17.76
N TYR B 63 7.02 15.69 -17.01
CA TYR B 63 7.03 15.80 -15.55
C TYR B 63 7.91 14.71 -14.96
N LEU B 64 8.35 14.95 -13.73
CA LEU B 64 9.41 14.15 -13.13
C LEU B 64 9.39 14.37 -11.62
N LEU B 65 9.57 13.31 -10.86
CA LEU B 65 9.57 13.39 -9.39
C LEU B 65 10.96 13.03 -8.87
N TYR B 66 11.55 13.93 -8.10
CA TYR B 66 12.74 13.65 -7.31
C TYR B 66 12.36 13.52 -5.84
N TYR B 67 13.01 12.59 -5.14
CA TYR B 67 12.63 12.32 -3.76
C TYR B 67 13.81 11.80 -2.95
N THR B 68 13.75 12.04 -1.65
CA THR B 68 14.80 11.60 -0.76
C THR B 68 14.19 11.29 0.60
N GLU B 69 14.70 10.24 1.23
CA GLU B 69 14.29 9.92 2.59
C GLU B 69 14.95 10.90 3.56
N PHE B 70 14.18 11.41 4.52
CA PHE B 70 14.71 12.41 5.43
C PHE B 70 13.91 12.42 6.71
N THR B 71 14.49 13.02 7.74
CA THR B 71 13.84 13.19 9.04
C THR B 71 13.81 14.67 9.32
N PRO B 72 12.67 15.34 9.17
CA PRO B 72 12.61 16.78 9.41
C PRO B 72 12.88 17.10 10.87
N THR B 73 13.42 18.29 11.10
CA THR B 73 13.64 18.84 12.44
C THR B 73 13.03 20.22 12.49
N GLU B 74 13.10 20.85 13.66
CA GLU B 74 12.49 22.18 13.81
C GLU B 74 13.21 23.21 12.96
N LYS B 75 14.55 23.12 12.86
CA LYS B 75 15.32 24.20 12.26
C LYS B 75 15.88 23.88 10.88
N ASP B 76 15.89 22.62 10.45
CA ASP B 76 16.48 22.31 9.16
C ASP B 76 15.60 22.81 8.02
N GLU B 77 16.18 23.54 7.08
CA GLU B 77 15.48 24.06 5.92
C GLU B 77 15.80 23.24 4.69
N TYR B 78 14.80 22.99 3.86
CA TYR B 78 15.01 22.24 2.64
C TYR B 78 14.54 23.05 1.43
N ALA B 79 15.07 22.67 0.28
CA ALA B 79 14.79 23.37 -0.97
C ALA B 79 15.06 22.46 -2.15
N CYS B 80 14.55 22.87 -3.31
CA CYS B 80 14.73 22.18 -4.56
C CYS B 80 15.29 23.17 -5.57
N ARG B 81 16.43 22.82 -6.18
CA ARG B 81 17.12 23.68 -7.14
C ARG B 81 16.98 23.08 -8.52
N VAL B 82 16.48 23.86 -9.47
CA VAL B 82 16.11 23.37 -10.78
C VAL B 82 16.81 24.21 -11.84
N ASN B 83 17.43 23.55 -12.81
CA ASN B 83 17.94 24.24 -13.99
C ASN B 83 17.33 23.63 -15.25
N HIS B 84 17.08 24.49 -16.22
CA HIS B 84 16.39 24.15 -17.45
C HIS B 84 16.70 25.25 -18.44
N VAL B 85 16.62 24.93 -19.73
CA VAL B 85 17.04 25.89 -20.75
C VAL B 85 16.19 27.16 -20.71
N THR B 86 14.94 27.06 -20.22
CA THR B 86 14.08 28.25 -20.15
C THR B 86 14.46 29.22 -19.04
N LEU B 87 15.41 28.88 -18.18
CA LEU B 87 15.69 29.66 -16.98
C LEU B 87 16.98 30.44 -17.15
N SER B 88 16.95 31.73 -16.80
CA SER B 88 18.17 32.53 -16.87
C SER B 88 19.18 32.10 -15.81
N GLN B 89 18.71 31.61 -14.66
CA GLN B 89 19.56 31.03 -13.63
C GLN B 89 18.77 29.91 -12.95
N PRO B 90 19.45 28.98 -12.26
CA PRO B 90 18.73 27.94 -11.52
C PRO B 90 17.71 28.53 -10.57
N LYS B 91 16.52 27.96 -10.58
CA LYS B 91 15.45 28.40 -9.69
C LYS B 91 15.50 27.58 -8.41
N ILE B 92 15.39 28.25 -7.26
CA ILE B 92 15.46 27.59 -5.97
C ILE B 92 14.13 27.78 -5.29
N VAL B 93 13.51 26.68 -4.89
CA VAL B 93 12.17 26.72 -4.29
C VAL B 93 12.29 26.08 -2.91
N LYS B 94 12.06 26.88 -1.87
CA LYS B 94 12.12 26.35 -0.52
C LYS B 94 10.91 25.49 -0.21
N TRP B 95 11.13 24.45 0.59
CA TRP B 95 10.05 23.63 1.10
C TRP B 95 9.28 24.38 2.17
N ASP B 96 8.00 24.62 1.89
CA ASP B 96 7.05 25.11 2.88
C ASP B 96 6.41 23.90 3.56
N ARG B 97 6.75 23.69 4.83
CA ARG B 97 6.31 22.51 5.56
C ARG B 97 4.79 22.35 5.58
N ASP B 98 4.05 23.46 5.49
CA ASP B 98 2.59 23.38 5.37
C ASP B 98 2.14 22.64 4.12
N MET B 99 2.90 22.74 3.03
CA MET B 99 2.42 22.39 1.68
C MET B 99 2.19 20.91 1.44
N HIS C 4 -20.62 -5.12 8.09
CA HIS C 4 -20.48 -6.37 8.86
C HIS C 4 -19.21 -6.38 9.72
N LEU C 5 -18.60 -5.22 9.88
CA LEU C 5 -17.28 -5.10 10.51
C LEU C 5 -17.39 -5.02 12.03
N SER C 6 -16.42 -5.60 12.71
CA SER C 6 -16.36 -5.58 14.17
C SER C 6 -15.14 -4.84 14.67
N LEU C 7 -15.33 -4.06 15.73
CA LEU C 7 -14.24 -3.48 16.50
CA LEU C 7 -14.22 -3.50 16.49
C LEU C 7 -14.04 -4.36 17.74
N LEU C 8 -12.83 -4.91 17.90
CA LEU C 8 -12.57 -5.85 18.99
C LEU C 8 -11.24 -5.55 19.65
N TYR C 9 -11.25 -5.50 20.98
CA TYR C 9 -10.03 -5.36 21.77
C TYR C 9 -9.64 -6.72 22.33
N HIS C 10 -8.37 -7.09 22.19
CA HIS C 10 -7.81 -8.30 22.74
C HIS C 10 -6.95 -7.91 23.94
N LEU C 11 -7.45 -8.16 25.15
CA LEU C 11 -6.76 -7.74 26.37
C LEU C 11 -6.15 -8.96 27.04
N THR C 12 -4.88 -8.85 27.46
CA THR C 12 -4.19 -9.94 28.15
C THR C 12 -3.44 -9.38 29.34
N ALA C 13 -3.53 -10.09 30.47
CA ALA C 13 -2.70 -9.86 31.64
C ALA C 13 -2.10 -11.19 32.07
N VAL C 14 -0.88 -11.14 32.59
CA VAL C 14 -0.19 -12.32 33.12
C VAL C 14 0.34 -11.98 34.51
N SER C 15 0.25 -12.94 35.43
CA SER C 15 0.58 -12.65 36.83
C SER C 15 2.08 -12.57 37.03
N SER C 16 2.87 -13.25 36.20
CA SER C 16 4.33 -13.17 36.26
C SER C 16 4.87 -13.00 34.84
N PRO C 17 4.93 -11.75 34.36
CA PRO C 17 5.50 -11.50 33.04
C PRO C 17 7.01 -11.71 33.04
N ALA C 18 7.51 -12.31 31.96
CA ALA C 18 8.95 -12.43 31.77
C ALA C 18 9.60 -11.07 32.00
N PRO C 19 10.81 -11.03 32.58
CA PRO C 19 11.43 -9.74 32.90
C PRO C 19 11.58 -8.84 31.68
N GLY C 20 11.18 -7.59 31.83
CA GLY C 20 11.20 -6.66 30.72
C GLY C 20 10.03 -6.78 29.77
N THR C 21 9.07 -7.66 30.05
CA THR C 21 7.89 -7.72 29.20
C THR C 21 6.66 -7.19 29.95
N PRO C 22 5.67 -6.67 29.23
CA PRO C 22 4.52 -6.05 29.91
C PRO C 22 3.66 -7.07 30.63
N ALA C 23 3.11 -6.64 31.77
CA ALA C 23 2.14 -7.46 32.48
C ALA C 23 0.78 -7.44 31.82
N PHE C 24 0.48 -6.39 31.05
CA PHE C 24 -0.83 -6.17 30.47
C PHE C 24 -0.64 -5.49 29.11
N TRP C 25 -1.33 -6.01 28.09
CA TRP C 25 -1.23 -5.38 26.78
C TRP C 25 -2.53 -5.62 26.04
N VAL C 26 -2.80 -4.75 25.07
CA VAL C 26 -4.05 -4.77 24.33
C VAL C 26 -3.73 -4.53 22.86
N SER C 27 -4.36 -5.30 21.98
CA SER C 27 -4.38 -4.98 20.57
C SER C 27 -5.84 -4.73 20.18
N GLY C 28 -6.04 -3.71 19.34
CA GLY C 28 -7.37 -3.36 18.85
C GLY C 28 -7.46 -3.69 17.37
N TRP C 29 -8.63 -4.15 16.94
CA TRP C 29 -8.81 -4.74 15.62
C TRP C 29 -10.06 -4.17 14.98
N LEU C 30 -9.93 -3.76 13.71
CA LEU C 30 -11.06 -3.42 12.85
C LEU C 30 -11.15 -4.55 11.84
N GLY C 31 -12.12 -5.44 12.02
CA GLY C 31 -12.11 -6.71 11.34
C GLY C 31 -10.75 -7.37 11.49
N PRO C 32 -10.13 -7.74 10.35
CA PRO C 32 -8.82 -8.42 10.41
C PRO C 32 -7.62 -7.50 10.57
N GLN C 33 -7.79 -6.17 10.65
CA GLN C 33 -6.69 -5.21 10.67
C GLN C 33 -6.42 -4.72 12.08
N GLN C 34 -5.18 -4.80 12.51
CA GLN C 34 -4.80 -4.18 13.78
C GLN C 34 -4.74 -2.67 13.62
N TYR C 35 -5.60 -1.95 14.35
CA TYR C 35 -5.52 -0.49 14.35
C TYR C 35 -4.86 0.10 15.60
N LEU C 36 -4.77 -0.67 16.70
CA LEU C 36 -4.38 -0.13 18.00
C LEU C 36 -3.44 -1.08 18.73
N SER C 37 -2.45 -0.49 19.41
CA SER C 37 -1.56 -1.20 20.32
C SER C 37 -1.48 -0.48 21.66
N TYR C 38 -1.46 -1.24 22.74
CA TYR C 38 -1.31 -0.69 24.09
C TYR C 38 -0.65 -1.74 24.96
N ASN C 39 0.28 -1.33 25.82
CA ASN C 39 0.78 -2.22 26.84
C ASN C 39 1.05 -1.42 28.12
N SER C 40 1.22 -2.14 29.22
CA SER C 40 1.30 -1.53 30.55
C SER C 40 2.64 -0.85 30.81
N LEU C 41 3.70 -1.21 30.08
CA LEU C 41 4.97 -0.52 30.21
C LEU C 41 4.88 0.91 29.70
N ARG C 42 4.38 1.09 28.47
CA ARG C 42 4.30 2.45 27.94
C ARG C 42 3.10 3.19 28.50
N GLY C 43 1.98 2.50 28.67
CA GLY C 43 0.79 3.15 29.18
C GLY C 43 0.14 4.12 28.22
N GLU C 44 0.37 3.98 26.92
CA GLU C 44 -0.25 4.85 25.92
C GLU C 44 -0.82 3.99 24.80
N ALA C 45 -2.09 4.22 24.45
CA ALA C 45 -2.67 3.57 23.27
C ALA C 45 -2.14 4.24 22.01
N GLU C 46 -1.75 3.43 21.01
CA GLU C 46 -1.11 3.92 19.79
C GLU C 46 -1.78 3.36 18.54
N PRO C 47 -1.91 4.16 17.48
CA PRO C 47 -2.38 3.62 16.19
C PRO C 47 -1.32 2.74 15.54
N CYS C 48 -1.79 1.81 14.72
CA CYS C 48 -0.91 0.91 13.99
C CYS C 48 -1.04 1.13 12.48
N GLY C 49 0.10 1.15 11.80
CA GLY C 49 0.09 1.05 10.34
C GLY C 49 -0.60 2.24 9.73
N ALA C 50 -1.48 1.97 8.75
CA ALA C 50 -2.20 3.05 8.06
C ALA C 50 -3.01 3.89 9.03
N TRP C 51 -3.43 3.33 10.17
CA TRP C 51 -4.29 4.10 11.06
C TRP C 51 -3.56 5.26 11.71
N VAL C 52 -2.22 5.24 11.71
CA VAL C 52 -1.45 6.40 12.15
C VAL C 52 -1.83 7.65 11.34
N TRP C 53 -2.20 7.49 10.06
CA TRP C 53 -2.49 8.64 9.20
C TRP C 53 -3.98 8.95 9.09
N GLU C 54 -4.81 8.24 9.86
CA GLU C 54 -6.23 8.54 9.88
C GLU C 54 -6.48 9.93 10.45
N ASN C 55 -7.43 10.65 9.86
CA ASN C 55 -7.88 11.91 10.45
C ASN C 55 -8.89 11.58 11.54
N GLN C 56 -8.53 11.81 12.80
CA GLN C 56 -9.44 11.49 13.89
C GLN C 56 -9.95 12.74 14.58
N VAL C 57 -11.04 12.56 15.35
CA VAL C 57 -11.55 13.63 16.18
C VAL C 57 -10.53 13.97 17.26
N SER C 58 -10.69 15.16 17.84
CA SER C 58 -9.76 15.61 18.87
C SER C 58 -9.87 14.71 20.09
N TRP C 59 -8.71 14.40 20.67
CA TRP C 59 -8.59 13.57 21.87
C TRP C 59 -9.00 12.12 21.63
N TYR C 60 -9.02 11.66 20.37
CA TYR C 60 -9.36 10.27 20.11
C TYR C 60 -8.44 9.33 20.89
N TRP C 61 -7.13 9.48 20.70
CA TRP C 61 -6.20 8.52 21.26
C TRP C 61 -6.00 8.69 22.76
N GLU C 62 -6.21 9.89 23.28
CA GLU C 62 -6.22 10.08 24.73
C GLU C 62 -7.35 9.30 25.38
N LYS C 63 -8.55 9.36 24.78
CA LYS C 63 -9.70 8.61 25.30
C LYS C 63 -9.47 7.11 25.22
N GLU C 64 -8.86 6.61 24.13
CA GLU C 64 -8.49 5.20 24.08
C GLU C 64 -7.52 4.86 25.20
N THR C 65 -6.51 5.72 25.43
CA THR C 65 -5.54 5.52 26.50
C THR C 65 -6.23 5.51 27.87
N THR C 66 -7.18 6.43 28.07
CA THR C 66 -7.93 6.48 29.32
C THR C 66 -8.69 5.18 29.58
N ASP C 67 -9.38 4.67 28.55
CA ASP C 67 -10.18 3.46 28.74
C ASP C 67 -9.30 2.25 29.03
N LEU C 68 -8.12 2.19 28.40
CA LEU C 68 -7.26 1.01 28.55
C LEU C 68 -6.40 1.06 29.81
N ARG C 69 -6.11 2.25 30.34
CA ARG C 69 -5.46 2.33 31.66
C ARG C 69 -6.40 1.84 32.75
N ILE C 70 -7.69 2.14 32.62
CA ILE C 70 -8.67 1.66 33.58
C ILE C 70 -8.75 0.14 33.52
N LYS C 71 -8.79 -0.41 32.30
CA LYS C 71 -8.89 -1.86 32.17
C LYS C 71 -7.61 -2.56 32.60
N GLU C 72 -6.45 -1.93 32.37
CA GLU C 72 -5.22 -2.45 32.92
C GLU C 72 -5.33 -2.68 34.42
N LYS C 73 -5.78 -1.65 35.15
CA LYS C 73 -5.85 -1.75 36.62
C LYS C 73 -6.83 -2.83 37.04
N LEU C 74 -7.98 -2.92 36.34
CA LEU C 74 -8.95 -3.95 36.68
C LEU C 74 -8.38 -5.34 36.41
N PHE C 75 -7.70 -5.51 35.29
CA PHE C 75 -7.12 -6.81 34.96
C PHE C 75 -6.09 -7.23 36.01
N LEU C 76 -5.17 -6.32 36.36
CA LEU C 76 -4.15 -6.67 37.35
C LEU C 76 -4.76 -6.88 38.73
N GLU C 77 -5.81 -6.15 39.07
CA GLU C 77 -6.50 -6.35 40.34
C GLU C 77 -7.18 -7.72 40.38
N ALA C 78 -7.52 -8.29 39.22
CA ALA C 78 -8.20 -9.58 39.22
C ALA C 78 -7.29 -10.69 39.73
N PHE C 79 -5.97 -10.55 39.57
CA PHE C 79 -5.05 -11.55 40.10
C PHE C 79 -5.10 -11.57 41.61
N LYS C 80 -5.23 -10.39 42.23
CA LYS C 80 -5.26 -10.30 43.69
C LYS C 80 -6.47 -11.03 44.26
N ALA C 81 -7.62 -10.92 43.59
CA ALA C 81 -8.83 -11.60 44.02
C ALA C 81 -8.78 -13.11 43.80
N LEU C 82 -7.71 -13.65 43.24
CA LEU C 82 -7.57 -15.08 43.03
C LEU C 82 -6.71 -15.76 44.08
N GLY C 83 -5.73 -15.05 44.64
CA GLY C 83 -4.84 -15.63 45.62
C GLY C 83 -3.87 -16.61 44.99
N GLY C 84 -2.87 -17.03 45.75
CA GLY C 84 -1.91 -18.01 45.27
C GLY C 84 -0.79 -17.38 44.49
N LYS C 85 0.20 -18.22 44.17
CA LYS C 85 1.36 -17.76 43.41
C LYS C 85 1.15 -17.88 41.90
N GLY C 86 0.06 -18.51 41.47
CA GLY C 86 -0.22 -18.66 40.05
C GLY C 86 0.58 -19.77 39.40
N PRO C 87 1.07 -19.52 38.18
CA PRO C 87 0.86 -18.31 37.38
C PRO C 87 -0.53 -18.22 36.76
N TYR C 88 -0.97 -17.01 36.40
CA TYR C 88 -2.28 -16.79 35.81
C TYR C 88 -2.14 -16.04 34.49
N THR C 89 -3.06 -16.34 33.57
CA THR C 89 -3.31 -15.51 32.40
C THR C 89 -4.80 -15.18 32.38
N LEU C 90 -5.11 -13.90 32.22
CA LEU C 90 -6.48 -13.41 32.09
C LEU C 90 -6.59 -12.71 30.74
N GLN C 91 -7.50 -13.18 29.89
CA GLN C 91 -7.75 -12.56 28.60
C GLN C 91 -9.16 -12.03 28.54
N GLY C 92 -9.33 -10.95 27.79
CA GLY C 92 -10.65 -10.39 27.53
C GLY C 92 -10.82 -10.09 26.05
N LEU C 93 -12.06 -10.27 25.59
CA LEU C 93 -12.45 -9.95 24.22
C LEU C 93 -13.65 -9.03 24.34
N LEU C 94 -13.41 -7.74 24.15
CA LEU C 94 -14.41 -6.68 24.30
C LEU C 94 -14.53 -5.91 23.00
N GLY C 95 -15.75 -5.67 22.55
CA GLY C 95 -15.95 -4.84 21.38
C GLY C 95 -17.40 -4.89 20.93
N CYS C 96 -17.62 -4.50 19.67
CA CYS C 96 -18.98 -4.40 19.16
C CYS C 96 -19.00 -4.54 17.65
N GLU C 97 -20.21 -4.61 17.12
CA GLU C 97 -20.47 -4.75 15.69
C GLU C 97 -21.81 -4.08 15.39
N LEU C 98 -21.84 -3.20 14.40
CA LEU C 98 -23.05 -2.46 14.07
C LEU C 98 -24.12 -3.38 13.49
N SER C 104 -26.17 -1.66 17.38
CA SER C 104 -24.90 -2.17 17.88
C SER C 104 -25.05 -3.40 18.79
N VAL C 105 -24.26 -4.42 18.53
CA VAL C 105 -24.28 -5.68 19.26
C VAL C 105 -22.92 -5.89 19.91
N PRO C 106 -22.86 -6.03 21.24
CA PRO C 106 -21.55 -6.05 21.91
C PRO C 106 -21.02 -7.44 22.18
N THR C 107 -19.74 -7.51 22.50
CA THR C 107 -19.07 -8.74 22.90
C THR C 107 -18.29 -8.45 24.17
N ALA C 108 -18.43 -9.33 25.18
CA ALA C 108 -17.66 -9.19 26.42
C ALA C 108 -17.46 -10.59 27.00
N LYS C 109 -16.34 -11.20 26.68
CA LYS C 109 -16.00 -12.54 27.11
C LYS C 109 -14.62 -12.51 27.74
N PHE C 110 -14.38 -13.43 28.66
CA PHE C 110 -13.12 -13.48 29.37
C PHE C 110 -12.68 -14.95 29.49
N ALA C 111 -11.38 -15.14 29.58
CA ALA C 111 -10.79 -16.46 29.73
C ALA C 111 -9.72 -16.39 30.82
N LEU C 112 -9.66 -17.46 31.61
CA LEU C 112 -8.63 -17.64 32.62
C LEU C 112 -7.81 -18.85 32.24
N ASN C 113 -6.49 -18.67 32.15
CA ASN C 113 -5.55 -19.72 31.74
C ASN C 113 -6.03 -20.47 30.49
N GLY C 114 -6.58 -19.72 29.53
CA GLY C 114 -6.96 -20.24 28.24
C GLY C 114 -8.37 -20.80 28.15
N GLU C 115 -9.13 -20.75 29.23
CA GLU C 115 -10.48 -21.29 29.26
C GLU C 115 -11.49 -20.17 29.45
N GLU C 116 -12.47 -20.10 28.56
CA GLU C 116 -13.56 -19.15 28.73
C GLU C 116 -14.25 -19.43 30.06
N PHE C 117 -14.56 -18.37 30.81
CA PHE C 117 -15.09 -18.58 32.16
C PHE C 117 -15.94 -17.42 32.68
N MET C 118 -15.99 -16.31 31.96
CA MET C 118 -16.66 -15.12 32.50
C MET C 118 -17.11 -14.24 31.35
N ASN C 119 -18.36 -13.75 31.42
CA ASN C 119 -18.81 -12.73 30.49
C ASN C 119 -19.37 -11.52 31.24
N PHE C 120 -19.97 -10.57 30.53
CA PHE C 120 -20.61 -9.41 31.13
C PHE C 120 -22.06 -9.37 30.69
N ASP C 121 -22.96 -9.39 31.67
CA ASP C 121 -24.38 -9.31 31.40
C ASP C 121 -24.79 -7.84 31.29
N LEU C 122 -25.24 -7.42 30.11
CA LEU C 122 -25.53 -6.01 29.89
C LEU C 122 -26.92 -5.60 30.38
N LYS C 123 -27.87 -6.54 30.47
CA LYS C 123 -29.17 -6.21 31.03
C LYS C 123 -29.10 -5.99 32.54
N GLN C 124 -28.30 -6.82 33.25
CA GLN C 124 -28.13 -6.73 34.68
C GLN C 124 -26.89 -5.93 35.09
N GLY C 125 -26.01 -5.60 34.15
CA GLY C 125 -24.84 -4.79 34.44
C GLY C 125 -23.83 -5.42 35.38
N THR C 126 -23.43 -6.65 35.09
CA THR C 126 -22.53 -7.37 35.98
C THR C 126 -21.88 -8.51 35.23
N TRP C 127 -20.76 -8.97 35.77
CA TRP C 127 -19.99 -10.07 35.19
C TRP C 127 -20.51 -11.40 35.71
N GLY C 128 -20.79 -12.32 34.79
CA GLY C 128 -21.30 -13.64 35.12
C GLY C 128 -20.30 -14.74 34.90
N GLY C 129 -20.58 -15.91 35.45
CA GLY C 129 -19.64 -17.02 35.33
C GLY C 129 -19.90 -18.09 36.37
N ASP C 130 -19.69 -19.36 35.99
CA ASP C 130 -20.01 -20.48 36.86
C ASP C 130 -18.89 -20.77 37.85
N TRP C 131 -17.64 -20.68 37.41
CA TRP C 131 -16.51 -21.06 38.23
C TRP C 131 -16.39 -20.12 39.44
N PRO C 132 -15.85 -20.63 40.56
CA PRO C 132 -15.54 -19.73 41.68
C PRO C 132 -14.57 -18.64 41.31
N GLU C 133 -13.65 -18.90 40.38
CA GLU C 133 -12.73 -17.86 39.94
C GLU C 133 -13.48 -16.72 39.27
N ALA C 134 -14.54 -17.05 38.53
CA ALA C 134 -15.39 -16.02 37.95
C ALA C 134 -16.09 -15.21 39.03
N LEU C 135 -16.68 -15.88 40.02
CA LEU C 135 -17.38 -15.16 41.08
C LEU C 135 -16.45 -14.20 41.80
N ALA C 136 -15.23 -14.67 42.14
CA ALA C 136 -14.28 -13.82 42.86
C ALA C 136 -13.91 -12.58 42.07
N ILE C 137 -13.65 -12.73 40.76
CA ILE C 137 -13.29 -11.57 39.96
C ILE C 137 -14.51 -10.69 39.70
N SER C 138 -15.66 -11.31 39.41
CA SER C 138 -16.88 -10.53 39.20
C SER C 138 -17.24 -9.70 40.43
N GLN C 139 -17.05 -10.27 41.63
CA GLN C 139 -17.40 -9.56 42.85
C GLN C 139 -16.44 -8.40 43.10
N ARG C 140 -15.14 -8.67 42.96
CA ARG C 140 -14.14 -7.63 43.09
C ARG C 140 -14.41 -6.48 42.11
N TRP C 141 -14.80 -6.81 40.87
CA TRP C 141 -15.03 -5.77 39.89
C TRP C 141 -16.34 -5.05 40.17
N GLN C 142 -17.37 -5.79 40.54
CA GLN C 142 -18.65 -5.19 40.90
C GLN C 142 -18.54 -4.26 42.09
N GLN C 143 -17.46 -4.37 42.88
CA GLN C 143 -17.22 -3.53 44.05
C GLN C 143 -16.18 -2.45 43.79
N GLN C 144 -15.64 -2.35 42.58
CA GLN C 144 -14.76 -1.25 42.20
C GLN C 144 -15.60 -0.08 41.69
N ASP C 145 -15.16 1.13 42.02
CA ASP C 145 -15.99 2.33 41.84
C ASP C 145 -16.31 2.58 40.36
N LYS C 146 -17.60 2.50 40.03
CA LYS C 146 -18.16 2.77 38.71
C LYS C 146 -17.68 1.79 37.65
N ALA C 147 -17.00 0.71 38.04
CA ALA C 147 -16.44 -0.22 37.06
C ALA C 147 -17.54 -0.79 36.15
N ALA C 148 -18.66 -1.22 36.73
CA ALA C 148 -19.72 -1.79 35.93
C ALA C 148 -20.26 -0.80 34.90
N ASN C 149 -20.47 0.46 35.31
CA ASN C 149 -21.04 1.44 34.41
C ASN C 149 -20.04 1.86 33.33
N LYS C 150 -18.76 1.93 33.67
CA LYS C 150 -17.75 2.20 32.64
C LYS C 150 -17.70 1.09 31.60
N GLU C 151 -17.91 -0.15 32.03
CA GLU C 151 -17.98 -1.26 31.08
C GLU C 151 -19.20 -1.13 30.18
N LEU C 152 -20.33 -0.73 30.77
CA LEU C 152 -21.55 -0.54 29.99
C LEU C 152 -21.36 0.57 28.94
N THR C 153 -20.74 1.69 29.34
CA THR C 153 -20.55 2.80 28.40
C THR C 153 -19.54 2.45 27.32
N PHE C 154 -18.47 1.73 27.70
CA PHE C 154 -17.49 1.23 26.75
C PHE C 154 -18.15 0.40 25.65
N LEU C 155 -19.01 -0.53 26.04
CA LEU C 155 -19.56 -1.47 25.06
C LEU C 155 -20.73 -0.88 24.28
N LEU C 156 -21.55 -0.07 24.96
CA LEU C 156 -22.80 0.38 24.36
C LEU C 156 -22.69 1.73 23.68
N PHE C 157 -21.71 2.54 24.07
CA PHE C 157 -21.54 3.88 23.51
C PHE C 157 -20.17 4.08 22.89
N SER C 158 -19.08 3.86 23.64
CA SER C 158 -17.75 4.17 23.13
C SER C 158 -17.40 3.31 21.92
N CYS C 159 -17.59 1.99 22.02
CA CYS C 159 -17.20 1.10 20.93
CA CYS C 159 -17.18 1.11 20.94
C CYS C 159 -17.94 1.41 19.64
N PRO C 160 -19.28 1.51 19.62
CA PRO C 160 -19.93 1.77 18.33
C PRO C 160 -19.65 3.15 17.79
N HIS C 161 -19.45 4.12 18.68
CA HIS C 161 -19.03 5.45 18.25
C HIS C 161 -17.67 5.41 17.58
N ARG C 162 -16.70 4.75 18.23
CA ARG C 162 -15.39 4.54 17.61
C ARG C 162 -15.53 3.77 16.30
N LEU C 163 -16.34 2.70 16.31
CA LEU C 163 -16.56 1.93 15.10
C LEU C 163 -17.05 2.81 13.95
N ARG C 164 -18.07 3.65 14.22
CA ARG C 164 -18.60 4.51 13.18
C ARG C 164 -17.58 5.55 12.72
N GLU C 165 -16.78 6.09 13.65
CA GLU C 165 -15.73 7.01 13.26
C GLU C 165 -14.75 6.36 12.29
N HIS C 166 -14.30 5.13 12.58
CA HIS C 166 -13.33 4.52 11.67
C HIS C 166 -13.96 4.14 10.34
N LEU C 167 -15.25 3.81 10.32
CA LEU C 167 -15.90 3.54 9.05
C LEU C 167 -15.99 4.80 8.20
N GLU C 168 -16.17 5.96 8.84
CA GLU C 168 -16.24 7.21 8.10
C GLU C 168 -14.86 7.66 7.64
N ARG C 169 -13.92 7.72 8.57
CA ARG C 169 -12.61 8.30 8.32
C ARG C 169 -11.59 7.33 7.73
N GLY C 170 -11.84 6.03 7.81
CA GLY C 170 -10.91 5.08 7.23
C GLY C 170 -11.56 4.09 6.30
N ARG C 171 -12.67 4.49 5.65
CA ARG C 171 -13.37 3.58 4.75
C ARG C 171 -12.42 2.96 3.72
N GLY C 172 -11.59 3.80 3.09
CA GLY C 172 -10.64 3.29 2.11
C GLY C 172 -9.71 2.23 2.68
N ASN C 173 -9.30 2.39 3.94
CA ASN C 173 -8.47 1.37 4.60
C ASN C 173 -9.19 0.04 4.70
N LEU C 174 -10.48 0.07 4.99
CA LEU C 174 -11.25 -1.14 5.20
C LEU C 174 -11.66 -1.81 3.89
N GLU C 175 -11.80 -1.03 2.81
CA GLU C 175 -12.16 -1.55 1.49
C GLU C 175 -10.98 -2.08 0.69
N TRP C 176 -9.77 -2.01 1.25
CA TRP C 176 -8.55 -2.35 0.51
C TRP C 176 -8.58 -3.79 0.02
N LYS C 177 -8.11 -4.00 -1.21
CA LYS C 177 -8.07 -5.33 -1.82
C LYS C 177 -6.77 -5.44 -2.62
N GLU C 178 -5.93 -6.41 -2.23
CA GLU C 178 -4.65 -6.67 -2.87
C GLU C 178 -4.61 -8.13 -3.32
N PRO C 179 -4.50 -8.40 -4.62
CA PRO C 179 -4.64 -9.80 -5.08
C PRO C 179 -3.40 -10.60 -4.73
N PRO C 180 -3.56 -11.91 -4.54
CA PRO C 180 -2.39 -12.75 -4.22
C PRO C 180 -1.50 -12.96 -5.43
N SER C 181 -0.20 -12.94 -5.18
CA SER C 181 0.76 -13.45 -6.15
CA SER C 181 0.77 -13.45 -6.14
C SER C 181 0.84 -14.97 -5.96
N MET C 182 0.52 -15.71 -7.02
CA MET C 182 0.36 -17.17 -6.96
C MET C 182 1.56 -17.89 -7.52
N ARG C 183 1.94 -18.98 -6.85
CA ARG C 183 2.99 -19.88 -7.31
C ARG C 183 2.59 -21.32 -7.03
N LEU C 184 2.87 -22.20 -8.00
CA LEU C 184 2.62 -23.63 -7.85
C LEU C 184 3.92 -24.36 -8.16
N LYS C 185 4.40 -25.14 -7.19
CA LYS C 185 5.66 -25.85 -7.34
C LYS C 185 5.46 -27.30 -6.95
N ALA C 186 6.45 -28.13 -7.24
CA ALA C 186 6.38 -29.56 -6.94
C ALA C 186 7.70 -30.00 -6.35
N ARG C 187 7.63 -30.74 -5.24
CA ARG C 187 8.85 -31.25 -4.63
C ARG C 187 8.80 -32.78 -4.56
N PRO C 188 9.96 -33.44 -4.58
CA PRO C 188 9.97 -34.89 -4.44
C PRO C 188 9.68 -35.27 -2.99
N SER C 189 8.77 -36.22 -2.81
CA SER C 189 8.38 -36.63 -1.47
C SER C 189 8.90 -38.03 -1.16
N SER C 190 7.98 -38.95 -0.89
CA SER C 190 8.33 -40.36 -0.74
C SER C 190 8.41 -41.02 -2.11
N PRO C 191 9.14 -42.13 -2.22
CA PRO C 191 9.29 -42.79 -3.54
C PRO C 191 7.94 -43.15 -4.13
N GLY C 192 7.71 -42.65 -5.35
CA GLY C 192 6.44 -42.81 -6.02
C GLY C 192 5.44 -41.69 -5.80
N PHE C 193 5.80 -40.66 -5.03
CA PHE C 193 4.88 -39.59 -4.68
C PHE C 193 5.59 -38.24 -4.71
N SER C 194 4.82 -37.21 -5.08
CA SER C 194 5.29 -35.84 -5.03
C SER C 194 4.31 -35.01 -4.21
N VAL C 195 4.77 -33.84 -3.78
CA VAL C 195 3.99 -32.89 -2.98
C VAL C 195 3.82 -31.62 -3.82
N LEU C 196 2.58 -31.28 -4.16
CA LEU C 196 2.23 -30.05 -4.87
C LEU C 196 1.82 -28.98 -3.86
N THR C 197 2.49 -27.83 -3.89
CA THR C 197 2.16 -26.71 -3.01
C THR C 197 1.72 -25.52 -3.86
N CYS C 198 0.51 -25.05 -3.60
CA CYS C 198 -0.04 -23.83 -4.21
C CYS C 198 0.02 -22.74 -3.16
N SER C 199 0.75 -21.66 -3.44
CA SER C 199 1.02 -20.64 -2.45
C SER C 199 0.54 -19.28 -2.92
N ALA C 200 -0.08 -18.56 -1.99
CA ALA C 200 -0.63 -17.22 -2.25
C ALA C 200 0.12 -16.23 -1.37
N PHE C 201 0.70 -15.21 -2.00
CA PHE C 201 1.57 -14.26 -1.32
C PHE C 201 0.95 -12.87 -1.28
N SER C 202 1.05 -12.22 -0.12
CA SER C 202 0.75 -10.80 0.06
C SER C 202 -0.61 -10.42 -0.52
N PHE C 203 -1.66 -10.92 0.13
CA PHE C 203 -3.00 -10.56 -0.27
C PHE C 203 -3.78 -9.97 0.89
N TYR C 204 -4.86 -9.26 0.54
CA TYR C 204 -5.83 -8.71 1.46
C TYR C 204 -7.11 -8.49 0.68
N PRO C 205 -8.29 -8.82 1.24
CA PRO C 205 -8.53 -9.34 2.60
C PRO C 205 -8.14 -10.82 2.77
N PRO C 206 -8.15 -11.33 4.02
CA PRO C 206 -7.68 -12.71 4.25
C PRO C 206 -8.54 -13.79 3.62
N GLU C 207 -9.83 -13.55 3.39
CA GLU C 207 -10.69 -14.59 2.81
C GLU C 207 -10.19 -14.98 1.42
N LEU C 208 -9.91 -16.26 1.24
CA LEU C 208 -9.31 -16.77 0.01
C LEU C 208 -9.59 -18.26 -0.07
N GLN C 209 -9.88 -18.74 -1.28
CA GLN C 209 -10.13 -20.16 -1.50
C GLN C 209 -9.10 -20.69 -2.50
N LEU C 210 -8.49 -21.82 -2.16
CA LEU C 210 -7.58 -22.55 -3.04
C LEU C 210 -8.13 -23.95 -3.27
N ARG C 211 -8.20 -24.36 -4.52
CA ARG C 211 -8.66 -25.69 -4.88
C ARG C 211 -7.72 -26.28 -5.92
N PHE C 212 -7.59 -27.60 -5.90
CA PHE C 212 -6.79 -28.30 -6.90
C PHE C 212 -7.68 -28.95 -7.95
N LEU C 213 -7.16 -29.02 -9.17
CA LEU C 213 -7.83 -29.61 -10.31
C LEU C 213 -6.93 -30.66 -10.96
N ARG C 214 -7.50 -31.80 -11.29
CA ARG C 214 -6.80 -32.87 -12.00
C ARG C 214 -7.46 -33.02 -13.37
N ASN C 215 -6.71 -32.69 -14.42
CA ASN C 215 -7.20 -32.73 -15.80
C ASN C 215 -8.53 -31.99 -15.96
N GLY C 216 -8.76 -30.98 -15.12
CA GLY C 216 -9.95 -30.16 -15.22
C GLY C 216 -11.07 -30.56 -14.27
N LEU C 217 -10.93 -31.66 -13.55
CA LEU C 217 -11.94 -32.10 -12.61
C LEU C 217 -11.47 -31.85 -11.19
N ALA C 218 -12.43 -31.79 -10.27
CA ALA C 218 -12.13 -31.50 -8.86
C ALA C 218 -11.09 -32.47 -8.32
N ALA C 219 -10.17 -31.95 -7.50
CA ALA C 219 -9.10 -32.78 -6.95
C ALA C 219 -8.87 -32.56 -5.45
N GLY C 220 -9.76 -31.86 -4.76
CA GLY C 220 -9.63 -31.62 -3.34
C GLY C 220 -9.12 -30.23 -3.02
N THR C 221 -9.27 -29.85 -1.74
CA THR C 221 -8.73 -28.60 -1.25
C THR C 221 -7.27 -28.69 -0.85
N GLY C 222 -6.75 -29.90 -0.64
CA GLY C 222 -5.44 -30.04 -0.06
C GLY C 222 -5.47 -29.64 1.41
N GLN C 223 -4.28 -29.63 2.01
CA GLN C 223 -4.10 -29.27 3.40
C GLN C 223 -3.50 -27.87 3.47
N GLY C 224 -4.28 -26.91 3.97
CA GLY C 224 -3.95 -25.51 3.88
C GLY C 224 -3.46 -24.93 5.20
N ASP C 225 -2.66 -23.88 5.11
CA ASP C 225 -2.28 -23.10 6.26
C ASP C 225 -2.29 -21.62 5.84
N PHE C 226 -2.35 -20.76 6.85
CA PHE C 226 -2.71 -19.37 6.65
C PHE C 226 -1.95 -18.55 7.67
N GLY C 227 -1.46 -17.37 7.28
CA GLY C 227 -0.79 -16.50 8.22
C GLY C 227 -0.63 -15.06 7.74
N PRO C 228 -0.26 -14.16 8.66
CA PRO C 228 -0.01 -12.76 8.28
C PRO C 228 1.42 -12.48 7.85
N ASN C 229 1.57 -11.36 7.15
CA ASN C 229 2.86 -10.70 6.94
C ASN C 229 2.95 -9.48 7.85
N SER C 230 4.17 -8.96 8.00
CA SER C 230 4.41 -7.87 8.95
C SER C 230 3.67 -6.57 8.59
N ASP C 231 3.19 -6.43 7.36
CA ASP C 231 2.46 -5.23 6.95
C ASP C 231 0.94 -5.40 7.02
N GLY C 232 0.46 -6.51 7.57
CA GLY C 232 -0.97 -6.72 7.67
C GLY C 232 -1.62 -7.31 6.45
N SER C 233 -0.85 -7.58 5.39
CA SER C 233 -1.34 -8.45 4.34
C SER C 233 -1.23 -9.90 4.83
N PHE C 234 -1.60 -10.83 3.97
CA PHE C 234 -1.67 -12.22 4.37
C PHE C 234 -0.98 -13.12 3.36
N HIS C 235 -0.80 -14.35 3.80
CA HIS C 235 -0.09 -15.40 3.10
C HIS C 235 -0.88 -16.68 3.28
N ALA C 236 -0.92 -17.52 2.25
CA ALA C 236 -1.59 -18.80 2.38
C ALA C 236 -0.96 -19.80 1.43
N SER C 237 -0.99 -21.06 1.83
CA SER C 237 -0.54 -22.14 0.95
C SER C 237 -1.32 -23.40 1.28
N SER C 238 -1.59 -24.19 0.24
CA SER C 238 -2.25 -25.47 0.36
C SER C 238 -1.43 -26.50 -0.41
N SER C 239 -1.27 -27.68 0.19
CA SER C 239 -0.37 -28.70 -0.32
C SER C 239 -1.13 -30.01 -0.49
N LEU C 240 -0.67 -30.81 -1.46
CA LEU C 240 -1.39 -31.99 -1.92
C LEU C 240 -0.37 -33.04 -2.35
N THR C 241 -0.57 -34.27 -1.87
CA THR C 241 0.27 -35.40 -2.24
C THR C 241 -0.26 -36.02 -3.52
N VAL C 242 0.59 -36.12 -4.54
CA VAL C 242 0.21 -36.70 -5.82
C VAL C 242 1.24 -37.74 -6.23
N LYS C 243 0.82 -38.64 -7.11
CA LYS C 243 1.71 -39.66 -7.64
C LYS C 243 2.82 -39.00 -8.47
N SER C 244 4.05 -39.40 -8.23
CA SER C 244 5.19 -38.85 -8.95
C SER C 244 4.98 -38.97 -10.46
N GLY C 245 5.41 -37.94 -11.19
CA GLY C 245 5.23 -37.90 -12.62
C GLY C 245 3.87 -37.45 -13.09
N ASP C 246 2.83 -37.59 -12.26
CA ASP C 246 1.48 -37.13 -12.57
C ASP C 246 1.28 -35.67 -12.19
N GLU C 247 2.37 -34.94 -11.88
CA GLU C 247 2.25 -33.58 -11.37
C GLU C 247 1.62 -32.65 -12.40
N HIS C 248 2.05 -32.76 -13.66
CA HIS C 248 1.61 -31.81 -14.68
C HIS C 248 0.18 -32.05 -15.16
N HIS C 249 -0.53 -33.00 -14.58
CA HIS C 249 -1.96 -33.12 -14.79
C HIS C 249 -2.75 -32.29 -13.79
N TYR C 250 -2.06 -31.50 -12.97
CA TYR C 250 -2.68 -30.77 -11.87
C TYR C 250 -2.50 -29.27 -12.04
N CYS C 251 -3.53 -28.52 -11.65
CA CYS C 251 -3.42 -27.08 -11.48
C CYS C 251 -4.17 -26.68 -10.22
N CYS C 252 -3.99 -25.44 -9.78
CA CYS C 252 -4.64 -24.87 -8.62
CA CYS C 252 -4.72 -24.91 -8.65
C CYS C 252 -5.45 -23.65 -9.05
N ILE C 253 -6.64 -23.47 -8.46
CA ILE C 253 -7.55 -22.36 -8.73
C ILE C 253 -7.65 -21.53 -7.45
N VAL C 254 -7.53 -20.21 -7.60
CA VAL C 254 -7.59 -19.28 -6.48
C VAL C 254 -8.73 -18.30 -6.72
N GLN C 255 -9.56 -18.09 -5.71
CA GLN C 255 -10.58 -17.05 -5.69
C GLN C 255 -10.24 -16.07 -4.57
N HIS C 256 -10.18 -14.78 -4.91
CA HIS C 256 -9.89 -13.73 -3.95
C HIS C 256 -10.46 -12.42 -4.47
N ALA C 257 -10.90 -11.56 -3.55
CA ALA C 257 -11.61 -10.34 -3.92
C ALA C 257 -10.77 -9.41 -4.80
N GLY C 258 -9.45 -9.52 -4.77
CA GLY C 258 -8.60 -8.69 -5.63
C GLY C 258 -8.57 -9.10 -7.08
N LEU C 259 -9.19 -10.24 -7.41
CA LEU C 259 -9.23 -10.81 -8.76
C LEU C 259 -10.67 -10.77 -9.24
N ALA C 260 -10.86 -10.33 -10.49
CA ALA C 260 -12.23 -10.22 -10.99
C ALA C 260 -12.89 -11.58 -11.18
N GLN C 261 -12.10 -12.61 -11.43
CA GLN C 261 -12.54 -13.96 -11.71
C GLN C 261 -11.55 -14.96 -11.11
N PRO C 262 -11.97 -16.21 -10.90
CA PRO C 262 -11.03 -17.24 -10.45
C PRO C 262 -9.83 -17.35 -11.36
N LEU C 263 -8.67 -17.59 -10.78
CA LEU C 263 -7.41 -17.65 -11.51
C LEU C 263 -6.85 -19.07 -11.45
N ARG C 264 -6.73 -19.70 -12.62
CA ARG C 264 -6.09 -21.01 -12.73
C ARG C 264 -4.58 -20.83 -12.72
N VAL C 265 -3.90 -21.57 -11.87
CA VAL C 265 -2.46 -21.48 -11.70
C VAL C 265 -1.86 -22.79 -12.18
N GLU C 266 -0.95 -22.70 -13.16
CA GLU C 266 -0.32 -23.88 -13.74
C GLU C 266 1.03 -24.15 -13.09
N LEU C 267 1.46 -25.40 -13.17
CA LEU C 267 2.71 -25.83 -12.56
C LEU C 267 3.89 -25.12 -13.21
N GLU C 268 4.82 -24.66 -12.38
CA GLU C 268 6.00 -23.96 -12.86
C GLU C 268 7.03 -24.94 -13.44
N ILE D 1 -4.72 -24.09 30.78
CA ILE D 1 -4.30 -25.19 29.91
C ILE D 1 -2.98 -24.85 29.24
N GLN D 2 -2.43 -25.82 28.51
CA GLN D 2 -1.24 -25.63 27.71
C GLN D 2 -1.52 -26.07 26.28
N ARG D 3 -1.12 -25.27 25.31
CA ARG D 3 -1.31 -25.60 23.91
C ARG D 3 0.02 -25.45 23.19
N THR D 4 0.36 -26.43 22.39
CA THR D 4 1.62 -26.33 21.69
C THR D 4 1.46 -25.45 20.43
N PRO D 5 2.49 -24.71 20.07
CA PRO D 5 2.39 -23.81 18.91
C PRO D 5 2.50 -24.53 17.57
N LYS D 6 1.74 -24.03 16.59
CA LYS D 6 2.03 -24.31 15.19
C LYS D 6 3.07 -23.31 14.71
N ILE D 7 3.99 -23.77 13.85
CA ILE D 7 5.08 -22.94 13.37
C ILE D 7 5.04 -22.92 11.85
N GLN D 8 5.00 -21.71 11.27
CA GLN D 8 4.97 -21.50 9.83
C GLN D 8 6.11 -20.58 9.43
N VAL D 9 6.75 -20.89 8.31
CA VAL D 9 7.93 -20.16 7.86
C VAL D 9 7.74 -19.85 6.37
N TYR D 10 7.66 -18.57 6.03
CA TYR D 10 7.38 -18.20 4.65
C TYR D 10 7.87 -16.79 4.39
N SER D 11 8.04 -16.47 3.12
CA SER D 11 8.44 -15.14 2.69
C SER D 11 7.21 -14.29 2.37
N ARG D 12 7.38 -12.96 2.52
CA ARG D 12 6.31 -12.03 2.17
C ARG D 12 5.98 -12.11 0.68
N HIS D 13 6.99 -12.07 -0.18
CA HIS D 13 6.82 -12.18 -1.61
C HIS D 13 7.50 -13.46 -2.10
N PRO D 14 7.08 -14.01 -3.27
CA PRO D 14 7.83 -15.11 -3.89
C PRO D 14 9.33 -14.85 -3.85
N ALA D 15 10.10 -15.82 -3.36
CA ALA D 15 11.53 -15.61 -3.18
C ALA D 15 12.24 -15.53 -4.53
N GLU D 16 13.30 -14.73 -4.57
CA GLU D 16 14.09 -14.57 -5.79
C GLU D 16 15.50 -14.17 -5.36
N ASN D 17 16.49 -14.98 -5.73
CA ASN D 17 17.86 -14.74 -5.26
C ASN D 17 18.33 -13.36 -5.65
N GLY D 18 18.96 -12.67 -4.70
CA GLY D 18 19.45 -11.33 -4.94
C GLY D 18 18.40 -10.24 -4.86
N LYS D 19 17.16 -10.58 -4.56
CA LYS D 19 16.09 -9.59 -4.40
C LYS D 19 15.67 -9.49 -2.94
N SER D 20 15.60 -8.25 -2.44
CA SER D 20 15.19 -7.99 -1.06
C SER D 20 13.78 -8.49 -0.80
N ASN D 21 13.56 -9.06 0.39
CA ASN D 21 12.31 -9.68 0.77
C ASN D 21 12.18 -9.64 2.30
N PHE D 22 11.10 -10.20 2.81
CA PHE D 22 10.93 -10.40 4.25
C PHE D 22 10.73 -11.89 4.52
N LEU D 23 11.45 -12.42 5.49
CA LEU D 23 11.25 -13.79 5.96
C LEU D 23 10.43 -13.77 7.24
N ASN D 24 9.35 -14.54 7.28
CA ASN D 24 8.40 -14.59 8.39
C ASN D 24 8.53 -15.91 9.14
N CYS D 25 8.33 -15.85 10.46
CA CYS D 25 8.04 -17.05 11.25
C CYS D 25 6.75 -16.78 12.03
N TYR D 26 5.69 -17.46 11.65
CA TYR D 26 4.38 -17.28 12.27
C TYR D 26 4.13 -18.44 13.24
N VAL D 27 3.92 -18.10 14.50
CA VAL D 27 3.71 -19.07 15.58
C VAL D 27 2.32 -18.81 16.16
N SER D 28 1.45 -19.81 16.08
CA SER D 28 0.04 -19.66 16.45
C SER D 28 -0.42 -20.84 17.30
N GLY D 29 -1.58 -20.65 17.92
CA GLY D 29 -2.26 -21.74 18.60
C GLY D 29 -1.61 -22.21 19.89
N PHE D 30 -0.87 -21.37 20.59
CA PHE D 30 -0.15 -21.82 21.77
C PHE D 30 -0.66 -21.17 23.05
N HIS D 31 -0.33 -21.79 24.18
CA HIS D 31 -0.72 -21.31 25.50
C HIS D 31 0.17 -22.04 26.51
N PRO D 32 0.80 -21.34 27.48
CA PRO D 32 0.69 -19.90 27.75
C PRO D 32 1.40 -19.02 26.72
N SER D 33 1.43 -17.72 26.99
CA SER D 33 1.91 -16.75 26.00
C SER D 33 3.43 -16.59 25.99
N ASP D 34 4.13 -17.07 27.02
CA ASP D 34 5.59 -16.97 27.00
C ASP D 34 6.14 -17.89 25.93
N ILE D 35 7.02 -17.36 25.07
CA ILE D 35 7.56 -18.12 23.95
C ILE D 35 8.83 -17.43 23.46
N GLU D 36 9.76 -18.24 22.94
CA GLU D 36 11.02 -17.74 22.39
C GLU D 36 11.13 -18.18 20.94
N VAL D 37 11.47 -17.24 20.06
CA VAL D 37 11.56 -17.49 18.62
C VAL D 37 12.84 -16.85 18.11
N ASP D 38 13.60 -17.60 17.32
CA ASP D 38 14.79 -17.09 16.65
C ASP D 38 14.72 -17.48 15.19
N LEU D 39 15.24 -16.60 14.33
CA LEU D 39 15.41 -16.90 12.91
C LEU D 39 16.90 -17.15 12.66
N LEU D 40 17.20 -18.19 11.90
CA LEU D 40 18.55 -18.66 11.65
C LEU D 40 18.89 -18.54 10.17
N LYS D 41 20.12 -18.11 9.88
CA LYS D 41 20.66 -18.06 8.52
C LYS D 41 21.88 -18.95 8.48
N ASN D 42 21.75 -20.11 7.84
CA ASN D 42 22.83 -21.11 7.79
C ASN D 42 23.28 -21.48 9.20
N GLY D 43 22.32 -21.67 10.10
CA GLY D 43 22.61 -22.04 11.46
C GLY D 43 22.78 -20.88 12.41
N GLU D 44 23.43 -19.82 11.96
CA GLU D 44 23.72 -18.69 12.85
C GLU D 44 22.46 -17.88 13.11
N ARG D 45 22.36 -17.33 14.31
CA ARG D 45 21.18 -16.57 14.66
C ARG D 45 21.20 -15.21 13.95
N ILE D 46 20.06 -14.84 13.39
CA ILE D 46 19.92 -13.53 12.75
C ILE D 46 19.65 -12.48 13.81
N GLU D 47 20.44 -11.41 13.83
CA GLU D 47 20.33 -10.42 14.89
C GLU D 47 19.19 -9.44 14.63
N LYS D 48 19.12 -8.88 13.42
CA LYS D 48 18.15 -7.84 13.10
C LYS D 48 16.80 -8.50 12.77
N VAL D 49 16.05 -8.81 13.83
CA VAL D 49 14.74 -9.43 13.72
C VAL D 49 13.74 -8.64 14.55
N GLU D 50 12.54 -8.44 14.01
CA GLU D 50 11.46 -7.76 14.70
C GLU D 50 10.27 -8.71 14.84
N HIS D 51 9.30 -8.30 15.66
CA HIS D 51 8.12 -9.13 15.84
C HIS D 51 6.90 -8.25 16.09
N SER D 52 5.73 -8.83 15.84
CA SER D 52 4.45 -8.19 16.05
C SER D 52 4.06 -8.17 17.53
N ASP D 53 2.94 -7.52 17.82
CA ASP D 53 2.31 -7.70 19.12
C ASP D 53 1.90 -9.17 19.29
N LEU D 54 1.79 -9.58 20.55
CA LEU D 54 1.23 -10.87 20.89
C LEU D 54 -0.30 -10.72 20.92
N SER D 55 -1.00 -11.48 20.09
CA SER D 55 -2.45 -11.39 20.01
C SER D 55 -3.02 -12.79 20.19
N PHE D 56 -4.34 -12.93 20.10
CA PHE D 56 -4.90 -14.27 20.24
C PHE D 56 -6.20 -14.38 19.45
N SER D 57 -6.56 -15.62 19.12
CA SER D 57 -7.72 -15.92 18.29
C SER D 57 -8.95 -16.18 19.15
N LYS D 58 -10.05 -16.47 18.45
CA LYS D 58 -11.33 -16.70 19.12
C LYS D 58 -11.24 -17.81 20.16
N ASP D 59 -10.42 -18.82 19.90
CA ASP D 59 -10.23 -19.93 20.84
C ASP D 59 -9.25 -19.59 21.97
N TRP D 60 -8.88 -18.32 22.10
CA TRP D 60 -8.01 -17.76 23.14
C TRP D 60 -6.55 -18.16 22.99
N SER D 61 -6.21 -18.98 21.99
CA SER D 61 -4.80 -19.33 21.79
C SER D 61 -4.04 -18.16 21.17
N PHE D 62 -2.77 -18.05 21.53
CA PHE D 62 -1.96 -16.90 21.18
C PHE D 62 -1.31 -17.07 19.80
N TYR D 63 -1.03 -15.95 19.15
CA TYR D 63 -0.26 -15.99 17.91
C TYR D 63 0.64 -14.76 17.84
N LEU D 64 1.71 -14.90 17.05
CA LEU D 64 2.81 -13.95 17.05
C LEU D 64 3.60 -14.09 15.75
N LEU D 65 3.99 -12.96 15.17
CA LEU D 65 4.75 -12.94 13.93
C LEU D 65 6.16 -12.41 14.18
N TYR D 66 7.16 -13.21 13.85
CA TYR D 66 8.54 -12.77 13.77
C TYR D 66 8.91 -12.59 12.31
N TYR D 67 9.70 -11.56 12.00
CA TYR D 67 9.99 -11.25 10.61
C TYR D 67 11.31 -10.50 10.51
N THR D 68 11.94 -10.62 9.34
CA THR D 68 13.21 -9.94 9.13
C THR D 68 13.36 -9.60 7.64
N GLU D 69 13.92 -8.43 7.36
CA GLU D 69 14.22 -8.06 5.98
C GLU D 69 15.51 -8.76 5.58
N PHE D 70 15.51 -9.39 4.41
CA PHE D 70 16.66 -10.17 4.00
C PHE D 70 16.71 -10.25 2.48
N THR D 71 17.90 -10.60 1.99
CA THR D 71 18.12 -10.85 0.57
C THR D 71 18.66 -12.27 0.44
N PRO D 72 17.83 -13.22 0.01
CA PRO D 72 18.30 -14.60 -0.13
C PRO D 72 19.32 -14.76 -1.25
N THR D 73 20.33 -15.60 -0.99
CA THR D 73 21.26 -16.07 -2.00
C THR D 73 20.98 -17.55 -2.27
N GLU D 74 21.53 -18.04 -3.39
CA GLU D 74 21.17 -19.36 -3.89
C GLU D 74 21.46 -20.46 -2.88
N LYS D 75 22.61 -20.39 -2.20
CA LYS D 75 22.99 -21.45 -1.28
C LYS D 75 22.54 -21.22 0.14
N ASP D 76 22.04 -20.02 0.47
CA ASP D 76 21.61 -19.72 1.83
C ASP D 76 20.47 -20.65 2.26
N GLU D 77 20.52 -21.11 3.50
CA GLU D 77 19.44 -21.88 4.13
C GLU D 77 18.96 -21.14 5.38
N TYR D 78 17.64 -21.05 5.56
CA TYR D 78 17.06 -20.32 6.68
C TYR D 78 16.14 -21.22 7.47
N ALA D 79 15.93 -20.88 8.75
CA ALA D 79 15.05 -21.67 9.60
C ALA D 79 14.58 -20.84 10.78
N CYS D 80 13.49 -21.30 11.38
CA CYS D 80 12.92 -20.69 12.58
C CYS D 80 13.04 -21.67 13.74
N ARG D 81 13.61 -21.22 14.86
CA ARG D 81 13.83 -22.03 16.04
C ARG D 81 12.94 -21.54 17.17
N VAL D 82 12.03 -22.41 17.62
CA VAL D 82 11.01 -22.06 18.61
C VAL D 82 11.25 -22.86 19.88
N ASN D 83 11.11 -22.20 21.02
CA ASN D 83 11.12 -22.89 22.32
C ASN D 83 9.88 -22.47 23.10
N HIS D 84 9.19 -23.45 23.66
CA HIS D 84 7.96 -23.28 24.40
C HIS D 84 7.93 -24.29 25.54
N VAL D 85 7.14 -24.00 26.56
CA VAL D 85 7.08 -24.90 27.71
C VAL D 85 6.50 -26.25 27.29
N THR D 86 5.70 -26.28 26.24
CA THR D 86 5.11 -27.53 25.75
C THR D 86 6.08 -28.39 24.95
N LEU D 87 7.32 -27.96 24.77
CA LEU D 87 8.27 -28.63 23.89
C LEU D 87 9.40 -29.24 24.70
N SER D 88 9.63 -30.55 24.51
CA SER D 88 10.73 -31.23 25.18
C SER D 88 12.07 -30.63 24.80
N GLN D 89 12.18 -30.13 23.58
CA GLN D 89 13.39 -29.47 23.10
C GLN D 89 13.00 -28.41 22.08
N PRO D 90 13.84 -27.39 21.89
CA PRO D 90 13.59 -26.40 20.82
C PRO D 90 13.22 -27.00 19.48
N LYS D 91 12.04 -26.63 18.95
CA LYS D 91 11.61 -27.09 17.64
C LYS D 91 12.15 -26.17 16.56
N ILE D 92 12.73 -26.77 15.52
CA ILE D 92 13.39 -26.03 14.43
C ILE D 92 12.69 -26.35 13.13
N VAL D 93 12.23 -25.31 12.44
CA VAL D 93 11.46 -25.45 11.20
C VAL D 93 12.22 -24.76 10.08
N LYS D 94 12.63 -25.54 9.08
CA LYS D 94 13.39 -25.00 7.96
C LYS D 94 12.45 -24.26 7.01
N TRP D 95 12.94 -23.12 6.48
CA TRP D 95 12.19 -22.40 5.46
C TRP D 95 12.17 -23.22 4.18
N ASP D 96 11.00 -23.73 3.82
CA ASP D 96 10.76 -24.22 2.47
C ASP D 96 10.34 -23.04 1.60
N ARG D 97 11.16 -22.71 0.60
CA ARG D 97 10.93 -21.48 -0.18
C ARG D 97 9.64 -21.52 -0.99
N ASP D 98 9.08 -22.71 -1.25
CA ASP D 98 7.83 -22.80 -1.99
C ASP D 98 6.60 -22.62 -1.11
N MET D 99 6.76 -22.46 0.21
CA MET D 99 5.61 -22.36 1.11
C MET D 99 5.07 -20.94 1.21
C10 EQY E . 1.73 7.30 -10.51
C13 EQY E . 5.20 7.85 -9.66
C23 EQY E . 6.22 3.59 -7.99
C27 EQY E . 7.26 3.48 -10.17
C25 EQY E . 7.75 1.85 -8.60
C24 EQY E . 6.91 2.43 -7.67
C01 EQY E . 9.64 6.35 -8.30
C03 EQY E . 7.37 6.94 -8.87
C05 EQY E . 6.08 6.64 -9.36
C06 EQY E . 5.68 5.37 -9.66
C08 EQY E . 3.46 6.11 -10.15
C14 EQY E . 5.75 8.64 -10.86
C15 EQY E . 5.99 8.00 -12.07
C16 EQY E . 6.46 8.74 -13.16
C18 EQY E . 6.69 10.10 -13.04
C19 EQY E . 6.46 10.72 -11.85
C21 EQY E . 5.98 9.99 -10.75
C22 EQY E . 6.41 4.14 -9.27
F17 EQY E . 6.71 8.14 -14.36
F20 EQY E . 6.68 12.04 -11.74
N07 EQY E . 4.36 5.08 -9.97
N09 EQY E . 2.20 6.06 -10.46
N11 EQY E . 2.71 8.14 -10.27
N12 EQY E . 3.85 7.40 -10.00
N26 EQY E . 7.90 2.36 -9.82
O02 EQY E . 8.35 6.02 -8.86
O04 EQY E . 7.61 8.07 -8.48
C1 NAG F . -17.12 -6.81 -21.18
C2 NAG F . -18.04 -7.55 -20.23
C3 NAG F . -17.30 -8.69 -19.54
C4 NAG F . -16.67 -9.60 -20.59
C5 NAG F . -15.78 -8.78 -21.52
C6 NAG F . -15.16 -9.58 -22.65
C7 NAG F . -19.93 -6.40 -19.12
C8 NAG F . -20.82 -7.13 -20.09
N2 NAG F . -18.61 -6.65 -19.23
O3 NAG F . -18.20 -9.42 -18.70
O4 NAG F . -15.90 -10.62 -19.97
O5 NAG F . -16.56 -7.73 -22.13
O6 NAG F . -16.13 -10.10 -23.55
O7 NAG F . -20.38 -5.64 -18.27
C1 GOL G . -7.43 7.66 -32.92
O1 GOL G . -8.33 7.21 -33.90
C2 GOL G . -6.59 8.79 -33.55
O2 GOL G . -7.09 9.25 -34.75
C3 GOL G . -6.57 9.86 -32.48
O3 GOL G . -6.20 9.21 -31.31
C1 GOL H . 2.30 2.53 -9.81
O1 GOL H . 3.64 2.43 -10.15
C2 GOL H . 2.19 2.09 -8.36
O2 GOL H . 1.09 2.65 -7.74
C3 GOL H . 2.10 0.56 -8.43
O3 GOL H . 2.14 0.11 -7.12
C1 GOL I . -3.22 16.07 -34.40
O1 GOL I . -3.19 14.72 -34.03
C2 GOL I . -2.44 16.21 -35.73
O2 GOL I . -2.50 17.50 -36.25
C3 GOL I . -3.07 15.16 -36.66
O3 GOL I . -3.86 15.89 -37.57
C1 GOL J . 6.56 24.93 -1.20
O1 GOL J . 6.64 23.68 -0.52
C2 GOL J . 6.47 24.80 -2.75
O2 GOL J . 5.67 23.77 -3.23
C3 GOL J . 5.96 26.19 -3.18
O3 GOL J . 5.88 26.17 -4.53
C1 GOL K . 13.40 6.64 -17.78
O1 GOL K . 14.65 6.07 -18.06
C2 GOL K . 13.54 8.18 -17.91
O2 GOL K . 13.95 8.79 -16.73
C3 GOL K . 14.59 8.35 -19.03
O3 GOL K . 14.99 9.67 -19.00
C10 EQY L . -3.35 -8.08 10.75
C13 EQY L . 0.14 -8.05 11.75
C23 EQY L . 1.12 -3.47 12.88
C27 EQY L . 1.32 -3.67 10.48
C25 EQY L . 2.16 -1.79 11.54
C24 EQY L . 1.77 -2.25 12.79
C01 EQY L . 4.41 -5.97 12.62
C03 EQY L . 2.23 -6.84 12.16
C05 EQY L . 0.84 -6.72 11.95
C06 EQY L . 0.20 -5.52 11.74
C08 EQY L . -1.85 -6.61 11.26
C14 EQY L . 0.09 -8.82 13.06
C15 EQY L . -0.41 -8.22 14.20
C16 EQY L . -0.48 -8.92 15.40
C18 EQY L . -0.05 -10.24 15.47
C19 EQY L . 0.46 -10.85 14.33
C21 EQY L . 0.52 -10.14 13.13
C22 EQY L . 0.90 -4.22 11.71
F17 EQY L . -0.98 -8.32 16.50
F20 EQY L . 0.89 -12.12 14.39
N07 EQY L . -1.16 -5.46 11.53
N09 EQY L . -3.09 -6.78 10.89
N11 EQY L . -2.25 -8.76 11.02
N12 EQY L . -1.25 -7.83 11.35
N26 EQY L . 1.93 -2.51 10.45
O02 EQY L . 2.98 -5.82 12.62
O04 EQY L . 2.76 -7.91 11.94
C1 CIT M . -13.80 -16.47 0.24
O1 CIT M . -12.58 -16.54 0.53
O2 CIT M . -14.53 -17.44 0.52
C2 CIT M . -14.36 -15.20 -0.39
C3 CIT M . -14.52 -15.34 -1.91
O7 CIT M . -15.83 -14.81 -2.27
C4 CIT M . -13.41 -14.58 -2.64
C5 CIT M . -13.96 -13.53 -3.60
O3 CIT M . -13.67 -13.57 -4.82
O4 CIT M . -14.68 -12.60 -3.18
C6 CIT M . -14.43 -16.80 -2.30
O5 CIT M . -13.38 -17.21 -2.83
O6 CIT M . -15.38 -17.61 -2.09
#